data_7COI
#
_entry.id   7COI
#
_cell.length_a   66.656
_cell.length_b   88.713
_cell.length_c   144.215
_cell.angle_alpha   90.000
_cell.angle_beta   90.000
_cell.angle_gamma   90.000
#
_symmetry.space_group_name_H-M   'P 2 21 21'
#
loop_
_entity.id
_entity.type
_entity.pdbx_description
1 polymer 'Carbonic anhydrase'
2 non-polymer 'ACETATE ION'
3 non-polymer 'ZINC ION'
4 water water
#
_entity_poly.entity_id   1
_entity_poly.type   'polypeptide(L)'
_entity_poly.pdbx_seq_one_letter_code
;MNIMRLLPRSKALSSPTAVAPAFRGRGAGVYSPSSQTVYMCPTSAVSLMHCSPCSTSAPLRSSQKSVAQTSANNDSLSDK
FSAALAKNKEWAAKCSQEHPELLPTLAVGQHPEILWIGCSDSRCPETTILGLLPGDVFTHRNIANVIHPADLSSGAVIEF
AVRHLRVKHVVICGHTKCGGVAAALGNKGLGILDPWLIPLRQLREQHLAELQSLSRDEAVVRLAELNVKEGLKALTQKSV
VLEAMQERGLQVHGLIYDVGSGFLRQLDAAEPEEALKARLTSFKTDA
;
_entity_poly.pdbx_strand_id   A,B,C,D
#
loop_
_chem_comp.id
_chem_comp.type
_chem_comp.name
_chem_comp.formula
ACT non-polymer 'ACETATE ION' 'C2 H3 O2 -1'
ZN non-polymer 'ZINC ION' 'Zn 2'
#
# COMPACT_ATOMS: atom_id res chain seq x y z
N LEU A 77 15.02 -30.35 23.17
CA LEU A 77 15.97 -29.19 23.03
C LEU A 77 15.11 -27.91 23.15
N SER A 78 15.74 -26.76 23.36
CA SER A 78 15.08 -25.62 24.04
C SER A 78 14.09 -24.95 23.07
N ASP A 79 12.91 -24.64 23.57
CA ASP A 79 11.96 -23.71 22.94
C ASP A 79 12.61 -22.31 22.93
N LYS A 80 12.94 -21.76 21.78
CA LYS A 80 13.67 -20.45 21.69
C LYS A 80 12.79 -19.30 22.19
N PHE A 81 11.49 -19.41 22.06
CA PHE A 81 10.53 -18.38 22.57
C PHE A 81 10.61 -18.35 24.10
N SER A 82 10.42 -19.49 24.77
CA SER A 82 10.51 -19.56 26.25
C SER A 82 11.89 -19.10 26.69
N ALA A 83 12.96 -19.53 26.00
CA ALA A 83 14.34 -19.16 26.36
C ALA A 83 14.48 -17.62 26.27
N ALA A 84 13.87 -16.99 25.26
CA ALA A 84 13.94 -15.53 25.06
C ALA A 84 13.25 -14.79 26.21
N LEU A 85 12.09 -15.28 26.67
CA LEU A 85 11.37 -14.59 27.79
C LEU A 85 12.23 -14.69 29.06
N ALA A 86 12.89 -15.82 29.31
CA ALA A 86 13.77 -15.98 30.51
C ALA A 86 14.97 -15.05 30.40
N LYS A 87 15.56 -14.91 29.21
CA LYS A 87 16.72 -14.00 28.99
C LYS A 87 16.24 -12.55 29.13
N ASN A 88 15.02 -12.25 28.72
CA ASN A 88 14.45 -10.88 28.94
C ASN A 88 14.43 -10.59 30.47
N LYS A 89 13.95 -11.53 31.28
CA LYS A 89 13.87 -11.29 32.75
C LYS A 89 15.27 -11.07 33.31
N GLU A 90 16.26 -11.82 32.83
CA GLU A 90 17.68 -11.67 33.26
C GLU A 90 18.19 -10.29 32.86
N TRP A 91 17.84 -9.84 31.64
CA TRP A 91 18.23 -8.50 31.16
C TRP A 91 17.60 -7.40 32.03
N ALA A 92 16.31 -7.51 32.36
CA ALA A 92 15.59 -6.56 33.24
C ALA A 92 16.26 -6.55 34.63
N ALA A 93 16.67 -7.70 35.14
CA ALA A 93 17.35 -7.79 36.46
C ALA A 93 18.68 -7.05 36.36
N LYS A 94 19.44 -7.25 35.29
CA LYS A 94 20.76 -6.60 35.08
C LYS A 94 20.56 -5.07 35.02
N CYS A 95 19.56 -4.60 34.29
CA CYS A 95 19.22 -3.15 34.22
C CYS A 95 18.96 -2.58 35.62
N SER A 96 18.13 -3.26 36.40
CA SER A 96 17.71 -2.83 37.76
C SER A 96 18.95 -2.75 38.66
N GLN A 97 19.88 -3.68 38.52
CA GLN A 97 21.09 -3.81 39.37
C GLN A 97 22.15 -2.79 38.95
N GLU A 98 22.41 -2.62 37.66
CA GLU A 98 23.58 -1.86 37.17
C GLU A 98 23.17 -0.43 36.85
N HIS A 99 21.94 -0.16 36.37
CA HIS A 99 21.55 1.19 35.88
C HIS A 99 20.11 1.45 36.26
N PRO A 100 19.79 1.50 37.57
CA PRO A 100 18.40 1.48 38.00
C PRO A 100 17.57 2.70 37.54
N GLU A 101 18.24 3.80 37.16
CA GLU A 101 17.57 5.03 36.67
C GLU A 101 17.25 4.93 35.17
N LEU A 102 17.89 4.05 34.39
CA LEU A 102 17.81 4.10 32.91
C LEU A 102 16.36 3.89 32.46
N LEU A 103 15.77 2.72 32.72
CA LEU A 103 14.43 2.38 32.15
C LEU A 103 13.38 3.35 32.68
N PRO A 104 13.31 3.66 34.00
CA PRO A 104 12.33 4.64 34.49
C PRO A 104 12.50 6.02 33.84
N THR A 105 13.71 6.46 33.54
CA THR A 105 13.91 7.80 32.88
C THR A 105 13.45 7.69 31.42
N LEU A 106 13.78 6.59 30.73
CA LEU A 106 13.28 6.39 29.34
C LEU A 106 11.75 6.31 29.29
N ALA A 107 11.09 5.77 30.32
CA ALA A 107 9.62 5.64 30.34
C ALA A 107 8.96 7.04 30.30
N VAL A 108 9.67 8.07 30.71
CA VAL A 108 9.07 9.45 30.74
C VAL A 108 8.99 9.96 29.31
N GLY A 109 9.93 9.59 28.44
CA GLY A 109 9.80 9.92 27.00
C GLY A 109 11.07 9.58 26.27
N GLN A 110 10.95 9.12 25.03
CA GLN A 110 12.15 8.85 24.20
C GLN A 110 12.60 10.14 23.52
N HIS A 111 13.91 10.26 23.30
CA HIS A 111 14.56 11.39 22.60
C HIS A 111 15.67 10.86 21.72
N PRO A 112 15.43 9.88 20.82
CA PRO A 112 16.52 9.39 19.98
C PRO A 112 16.91 10.48 18.98
N GLU A 113 18.17 10.51 18.61
CA GLU A 113 18.67 11.49 17.60
C GLU A 113 18.83 10.81 16.24
N ILE A 114 18.62 9.49 16.17
CA ILE A 114 18.88 8.67 14.97
C ILE A 114 17.60 7.93 14.59
N LEU A 115 17.20 8.04 13.32
CA LEU A 115 16.27 7.10 12.65
C LEU A 115 17.13 6.15 11.84
N TRP A 116 16.96 4.85 12.07
CA TRP A 116 17.64 3.77 11.32
C TRP A 116 16.61 3.09 10.43
N ILE A 117 16.88 3.03 9.14
CA ILE A 117 16.11 2.22 8.17
C ILE A 117 17.07 1.14 7.69
N GLY A 118 16.82 -0.10 8.09
CA GLY A 118 17.66 -1.22 7.67
C GLY A 118 16.88 -2.46 7.29
N CYS A 119 17.61 -3.52 7.04
CA CYS A 119 17.02 -4.80 6.61
C CYS A 119 16.52 -5.56 7.86
N SER A 120 15.44 -6.34 7.68
CA SER A 120 14.94 -7.29 8.70
C SER A 120 15.95 -8.42 9.01
N ASP A 121 16.90 -8.67 8.12
CA ASP A 121 17.97 -9.69 8.31
C ASP A 121 18.37 -9.74 9.78
N SER A 122 18.30 -10.93 10.39
CA SER A 122 18.52 -11.14 11.83
C SER A 122 19.95 -10.74 12.22
N ARG A 123 20.87 -10.63 11.26
CA ARG A 123 22.28 -10.30 11.55
C ARG A 123 22.48 -8.80 11.68
N CYS A 124 21.45 -7.96 11.50
CA CYS A 124 21.60 -6.48 11.50
CA CYS A 124 21.61 -6.48 11.51
C CYS A 124 20.74 -5.83 12.59
N PRO A 125 20.83 -6.24 13.89
CA PRO A 125 20.15 -5.50 14.97
C PRO A 125 20.85 -4.17 15.29
N GLU A 126 20.20 -3.06 14.95
CA GLU A 126 20.87 -1.73 14.89
C GLU A 126 21.48 -1.39 16.26
N THR A 127 20.74 -1.54 17.34
CA THR A 127 21.15 -1.04 18.69
C THR A 127 22.37 -1.81 19.13
N THR A 128 22.40 -3.13 18.87
CA THR A 128 23.54 -3.98 19.22
C THR A 128 24.77 -3.58 18.37
N ILE A 129 24.63 -3.51 17.06
CA ILE A 129 25.85 -3.35 16.19
C ILE A 129 26.39 -1.93 16.33
N LEU A 130 25.59 -0.98 16.81
CA LEU A 130 26.05 0.43 17.04
C LEU A 130 26.63 0.62 18.45
N GLY A 131 26.58 -0.39 19.32
CA GLY A 131 27.02 -0.27 20.71
C GLY A 131 26.19 0.74 21.47
N LEU A 132 24.88 0.80 21.19
CA LEU A 132 24.00 1.83 21.79
C LEU A 132 23.03 1.14 22.75
N LEU A 133 22.16 1.95 23.31
CA LEU A 133 21.23 1.55 24.37
C LEU A 133 19.81 1.74 23.87
N PRO A 134 18.83 1.12 24.55
CA PRO A 134 17.45 1.49 24.34
C PRO A 134 17.29 3.00 24.46
N GLY A 135 16.50 3.62 23.57
CA GLY A 135 16.24 5.06 23.57
C GLY A 135 17.11 5.81 22.58
N ASP A 136 18.10 5.17 22.00
CA ASP A 136 19.08 5.83 21.11
C ASP A 136 18.62 5.82 19.65
N VAL A 137 17.96 4.76 19.18
CA VAL A 137 17.72 4.56 17.73
C VAL A 137 16.25 4.21 17.47
N PHE A 138 15.55 5.14 16.84
CA PHE A 138 14.19 4.91 16.30
C PHE A 138 14.34 4.08 15.04
N THR A 139 13.62 2.95 14.94
CA THR A 139 14.01 1.90 13.97
C THR A 139 12.86 1.45 13.05
N HIS A 140 13.14 1.38 11.76
CA HIS A 140 12.34 0.67 10.74
C HIS A 140 13.21 -0.37 10.07
N ARG A 141 12.74 -1.60 10.02
CA ARG A 141 13.43 -2.71 9.33
C ARG A 141 12.42 -3.44 8.46
N ASN A 142 12.77 -3.65 7.19
CA ASN A 142 11.88 -4.27 6.19
C ASN A 142 12.77 -5.13 5.29
N ILE A 143 12.17 -5.81 4.32
CA ILE A 143 12.96 -6.65 3.38
C ILE A 143 13.87 -5.77 2.51
N ALA A 144 15.18 -5.91 2.69
CA ALA A 144 16.23 -5.25 1.88
C ALA A 144 16.18 -3.73 2.02
N ASN A 145 15.71 -3.20 3.16
CA ASN A 145 15.83 -1.75 3.46
C ASN A 145 15.35 -0.96 2.22
N VAL A 146 14.22 -1.34 1.63
CA VAL A 146 13.69 -0.71 0.38
C VAL A 146 12.78 0.45 0.78
N ILE A 147 12.99 1.60 0.15
CA ILE A 147 12.08 2.77 0.30
C ILE A 147 11.22 2.87 -0.95
N HIS A 148 9.99 2.37 -0.88
CA HIS A 148 8.95 2.65 -1.89
C HIS A 148 8.45 4.03 -1.57
N PRO A 149 8.47 4.99 -2.53
CA PRO A 149 8.06 6.37 -2.25
C PRO A 149 6.71 6.50 -1.54
N ALA A 150 5.71 5.73 -1.95
CA ALA A 150 4.34 5.87 -1.41
C ALA A 150 4.00 4.77 -0.40
N ASP A 151 5.00 4.04 0.12
CA ASP A 151 4.79 3.03 1.18
C ASP A 151 4.38 3.74 2.48
N LEU A 152 3.20 3.46 3.01
CA LEU A 152 2.78 4.10 4.28
C LEU A 152 3.62 3.60 5.46
N SER A 153 4.14 2.37 5.42
CA SER A 153 4.89 1.83 6.56
C SER A 153 6.16 2.66 6.80
N SER A 154 7.01 2.80 5.79
CA SER A 154 8.22 3.65 5.92
C SER A 154 7.76 5.12 6.02
N GLY A 155 6.75 5.52 5.26
CA GLY A 155 6.27 6.92 5.24
C GLY A 155 5.87 7.38 6.64
N ALA A 156 5.12 6.57 7.37
CA ALA A 156 4.68 6.91 8.73
C ALA A 156 5.86 6.95 9.71
N VAL A 157 6.81 6.02 9.59
CA VAL A 157 8.01 6.04 10.44
C VAL A 157 8.77 7.36 10.21
N ILE A 158 8.98 7.72 8.94
CA ILE A 158 9.80 8.91 8.59
C ILE A 158 9.09 10.17 9.12
N GLU A 159 7.78 10.25 8.95
CA GLU A 159 6.97 11.39 9.45
C GLU A 159 7.14 11.50 10.96
N PHE A 160 6.98 10.39 11.69
CA PHE A 160 7.03 10.40 13.16
C PHE A 160 8.45 10.78 13.62
N ALA A 161 9.48 10.16 13.05
CA ALA A 161 10.88 10.40 13.48
C ALA A 161 11.25 11.87 13.19
N VAL A 162 10.95 12.35 12.00
CA VAL A 162 11.48 13.65 11.53
C VAL A 162 10.66 14.79 12.13
N ARG A 163 9.34 14.72 12.09
CA ARG A 163 8.50 15.85 12.53
C ARG A 163 8.33 15.81 14.05
N HIS A 164 8.02 14.64 14.62
CA HIS A 164 7.57 14.52 16.02
C HIS A 164 8.78 14.31 16.95
N LEU A 165 9.71 13.40 16.66
CA LEU A 165 10.88 13.20 17.54
C LEU A 165 12.01 14.15 17.14
N ARG A 166 11.97 14.76 15.96
CA ARG A 166 13.03 15.69 15.47
C ARG A 166 14.40 15.03 15.54
N VAL A 167 14.53 13.84 14.98
CA VAL A 167 15.85 13.19 14.87
C VAL A 167 16.79 14.11 14.11
N LYS A 168 18.08 14.00 14.38
CA LYS A 168 19.11 14.81 13.68
C LYS A 168 19.69 14.03 12.51
N HIS A 169 19.55 12.69 12.51
CA HIS A 169 20.19 11.83 11.50
C HIS A 169 19.18 10.79 11.02
N VAL A 170 19.12 10.59 9.71
CA VAL A 170 18.44 9.41 9.10
C VAL A 170 19.51 8.57 8.46
N VAL A 171 19.60 7.29 8.85
CA VAL A 171 20.58 6.35 8.32
C VAL A 171 19.81 5.29 7.54
N ILE A 172 20.18 5.05 6.30
CA ILE A 172 19.74 3.87 5.54
C ILE A 172 20.94 2.94 5.53
N CYS A 173 20.75 1.74 6.06
CA CYS A 173 21.81 0.73 6.16
C CYS A 173 21.41 -0.48 5.35
N GLY A 174 22.13 -0.73 4.26
CA GLY A 174 22.11 -2.01 3.54
C GLY A 174 23.15 -2.95 4.10
N HIS A 175 23.23 -4.18 3.59
CA HIS A 175 24.20 -5.13 4.20
C HIS A 175 24.63 -6.12 3.12
N THR A 176 25.80 -6.71 3.36
CA THR A 176 26.35 -7.79 2.51
C THR A 176 25.50 -9.04 2.74
N LYS A 177 25.42 -9.90 1.74
CA LYS A 177 24.68 -11.19 1.81
C LYS A 177 23.18 -10.93 2.04
N CYS A 178 22.63 -9.87 1.47
CA CYS A 178 21.18 -9.52 1.59
C CYS A 178 20.37 -10.43 0.68
N GLY A 179 19.52 -11.28 1.27
CA GLY A 179 18.60 -12.20 0.54
C GLY A 179 17.60 -11.47 -0.33
N GLY A 180 17.16 -10.27 0.01
CA GLY A 180 16.22 -9.51 -0.82
C GLY A 180 16.92 -8.97 -2.04
N VAL A 181 18.12 -8.45 -1.86
CA VAL A 181 18.94 -7.98 -3.02
C VAL A 181 19.21 -9.21 -3.92
N ALA A 182 19.62 -10.33 -3.36
CA ALA A 182 19.92 -11.56 -4.16
C ALA A 182 18.66 -12.02 -4.92
N ALA A 183 17.48 -12.00 -4.27
CA ALA A 183 16.21 -12.39 -4.91
C ALA A 183 15.98 -11.53 -6.16
N ALA A 184 16.24 -10.21 -6.08
CA ALA A 184 16.02 -9.28 -7.20
C ALA A 184 16.95 -9.61 -8.38
N LEU A 185 18.13 -10.20 -8.13
CA LEU A 185 19.10 -10.56 -9.20
C LEU A 185 18.77 -11.94 -9.79
N GLY A 186 17.86 -12.69 -9.17
CA GLY A 186 17.31 -13.97 -9.69
C GLY A 186 16.06 -13.76 -10.53
N ASN A 187 15.50 -14.80 -11.10
CA ASN A 187 14.28 -14.68 -11.93
C ASN A 187 13.31 -15.79 -11.53
N LYS A 188 13.28 -16.09 -10.24
CA LYS A 188 12.27 -16.96 -9.61
C LYS A 188 11.14 -16.06 -9.11
N GLY A 189 9.88 -16.46 -9.37
CA GLY A 189 8.68 -15.82 -8.79
C GLY A 189 8.60 -16.12 -7.31
N LEU A 190 8.39 -15.11 -6.48
CA LEU A 190 8.44 -15.26 -4.99
C LEU A 190 7.15 -14.72 -4.38
N GLY A 191 6.07 -14.75 -5.14
CA GLY A 191 4.74 -14.40 -4.65
C GLY A 191 4.71 -12.95 -4.24
N ILE A 192 4.24 -12.68 -3.02
CA ILE A 192 4.05 -11.28 -2.53
C ILE A 192 5.39 -10.55 -2.49
N LEU A 193 6.52 -11.24 -2.46
CA LEU A 193 7.84 -10.56 -2.52
C LEU A 193 8.05 -9.87 -3.85
N ASP A 194 7.41 -10.32 -4.93
CA ASP A 194 7.67 -9.77 -6.28
C ASP A 194 7.37 -8.28 -6.33
N PRO A 195 6.17 -7.79 -5.98
CA PRO A 195 5.95 -6.34 -6.00
C PRO A 195 6.89 -5.60 -5.05
N TRP A 196 7.15 -6.17 -3.89
CA TRP A 196 8.01 -5.54 -2.87
C TRP A 196 9.40 -5.27 -3.49
N LEU A 197 9.90 -6.21 -4.29
CA LEU A 197 11.29 -6.15 -4.81
C LEU A 197 11.39 -5.34 -6.09
N ILE A 198 10.29 -4.82 -6.62
CA ILE A 198 10.34 -4.12 -7.95
C ILE A 198 11.42 -3.04 -7.94
N PRO A 199 11.57 -2.17 -6.91
CA PRO A 199 12.59 -1.12 -6.95
C PRO A 199 14.02 -1.63 -7.18
N LEU A 200 14.32 -2.81 -6.64
CA LEU A 200 15.63 -3.46 -6.82
C LEU A 200 15.74 -3.94 -8.27
N ARG A 201 14.67 -4.49 -8.86
CA ARG A 201 14.71 -4.91 -10.30
C ARG A 201 14.79 -3.69 -11.21
N GLN A 202 14.25 -2.54 -10.79
CA GLN A 202 14.37 -1.31 -11.61
C GLN A 202 15.86 -0.90 -11.64
N LEU A 203 16.54 -0.96 -10.50
CA LEU A 203 17.99 -0.66 -10.41
C LEU A 203 18.76 -1.70 -11.22
N ARG A 204 18.37 -2.97 -11.14
CA ARG A 204 19.04 -4.03 -11.94
C ARG A 204 18.94 -3.70 -13.44
N GLU A 205 17.75 -3.34 -13.93
CA GLU A 205 17.54 -2.96 -15.35
C GLU A 205 18.44 -1.78 -15.68
N GLN A 206 18.45 -0.73 -14.85
CA GLN A 206 19.17 0.51 -15.15
C GLN A 206 20.68 0.24 -15.18
N HIS A 207 21.18 -0.70 -14.38
CA HIS A 207 22.63 -0.95 -14.18
C HIS A 207 23.00 -2.34 -14.71
N LEU A 208 22.25 -2.88 -15.66
CA LEU A 208 22.34 -4.33 -16.01
C LEU A 208 23.75 -4.70 -16.49
N ALA A 209 24.31 -3.93 -17.41
CA ALA A 209 25.66 -4.21 -18.00
C ALA A 209 26.69 -4.19 -16.87
N GLU A 210 26.67 -3.16 -16.02
CA GLU A 210 27.58 -3.02 -14.85
C GLU A 210 27.47 -4.26 -13.94
N LEU A 211 26.25 -4.69 -13.60
CA LEU A 211 26.06 -5.83 -12.67
C LEU A 211 26.50 -7.13 -13.33
N GLN A 212 26.24 -7.29 -14.63
CA GLN A 212 26.62 -8.54 -15.35
C GLN A 212 28.15 -8.67 -15.44
N SER A 213 28.89 -7.56 -15.36
CA SER A 213 30.37 -7.50 -15.42
C SER A 213 31.02 -7.95 -14.09
N LEU A 214 30.22 -8.16 -13.04
CA LEU A 214 30.68 -8.51 -11.66
C LEU A 214 30.39 -9.98 -11.37
N SER A 215 31.08 -10.55 -10.39
CA SER A 215 30.76 -11.88 -9.81
C SER A 215 29.39 -11.78 -9.13
N ARG A 216 28.75 -12.92 -8.85
CA ARG A 216 27.45 -12.95 -8.14
C ARG A 216 27.62 -12.20 -6.82
N ASP A 217 28.69 -12.48 -6.06
CA ASP A 217 28.83 -11.86 -4.71
C ASP A 217 29.06 -10.36 -4.85
N GLU A 218 29.84 -9.92 -5.83
CA GLU A 218 30.11 -8.48 -6.06
C GLU A 218 28.81 -7.79 -6.52
N ALA A 219 28.00 -8.44 -7.35
CA ALA A 219 26.71 -7.88 -7.86
C ALA A 219 25.75 -7.66 -6.71
N VAL A 220 25.70 -8.58 -5.75
CA VAL A 220 24.80 -8.49 -4.57
C VAL A 220 25.26 -7.27 -3.75
N VAL A 221 26.57 -7.06 -3.57
CA VAL A 221 27.07 -5.86 -2.86
C VAL A 221 26.75 -4.62 -3.67
N ARG A 222 27.01 -4.61 -4.98
CA ARG A 222 26.84 -3.40 -5.82
C ARG A 222 25.38 -3.00 -5.80
N LEU A 223 24.49 -3.96 -6.00
CA LEU A 223 23.04 -3.65 -6.02
C LEU A 223 22.60 -3.20 -4.62
N ALA A 224 23.15 -3.76 -3.55
CA ALA A 224 22.86 -3.32 -2.16
C ALA A 224 23.25 -1.85 -2.01
N GLU A 225 24.42 -1.45 -2.53
CA GLU A 225 24.88 -0.03 -2.49
C GLU A 225 23.96 0.85 -3.32
N LEU A 226 23.63 0.43 -4.54
CA LEU A 226 22.75 1.21 -5.44
C LEU A 226 21.38 1.38 -4.77
N ASN A 227 20.93 0.36 -4.04
CA ASN A 227 19.63 0.40 -3.32
C ASN A 227 19.69 1.42 -2.19
N VAL A 228 20.79 1.46 -1.42
CA VAL A 228 20.94 2.45 -0.32
C VAL A 228 20.91 3.84 -0.96
N LYS A 229 21.64 4.04 -2.04
CA LYS A 229 21.73 5.41 -2.65
C LYS A 229 20.36 5.84 -3.19
N GLU A 230 19.63 4.94 -3.83
CA GLU A 230 18.28 5.20 -4.37
C GLU A 230 17.33 5.47 -3.20
N GLY A 231 17.50 4.77 -2.07
CA GLY A 231 16.65 4.99 -0.88
C GLY A 231 16.90 6.37 -0.32
N LEU A 232 18.15 6.87 -0.34
CA LEU A 232 18.45 8.23 0.19
C LEU A 232 17.78 9.27 -0.71
N LYS A 233 17.73 9.01 -2.01
CA LYS A 233 17.05 9.90 -2.98
C LYS A 233 15.56 9.89 -2.66
N ALA A 234 14.95 8.71 -2.52
CA ALA A 234 13.51 8.56 -2.20
C ALA A 234 13.21 9.26 -0.87
N LEU A 235 14.10 9.11 0.12
CA LEU A 235 13.93 9.69 1.46
C LEU A 235 13.86 11.21 1.34
N THR A 236 14.71 11.82 0.49
CA THR A 236 14.75 13.29 0.32
C THR A 236 13.63 13.81 -0.59
N GLN A 237 12.93 12.94 -1.32
CA GLN A 237 11.73 13.30 -2.14
C GLN A 237 10.49 13.30 -1.26
N LYS A 238 10.63 13.85 -0.06
CA LYS A 238 9.57 13.95 0.95
C LYS A 238 9.71 15.34 1.56
N SER A 239 8.64 16.10 1.54
CA SER A 239 8.66 17.49 2.06
C SER A 239 9.13 17.49 3.52
N VAL A 240 8.71 16.51 4.33
CA VAL A 240 9.04 16.54 5.78
C VAL A 240 10.56 16.46 5.96
N VAL A 241 11.24 15.67 5.15
CA VAL A 241 12.71 15.54 5.21
C VAL A 241 13.36 16.82 4.69
N LEU A 242 12.96 17.30 3.51
CA LEU A 242 13.58 18.54 2.93
C LEU A 242 13.43 19.70 3.91
N GLU A 243 12.27 19.86 4.53
CA GLU A 243 12.00 20.92 5.54
C GLU A 243 13.03 20.82 6.68
N ALA A 244 13.27 19.61 7.22
CA ALA A 244 14.18 19.38 8.35
C ALA A 244 15.64 19.62 7.93
N MET A 245 15.97 19.30 6.69
CA MET A 245 17.35 19.53 6.18
C MET A 245 17.59 21.06 6.15
N GLN A 246 16.64 21.86 5.71
CA GLN A 246 16.74 23.35 5.66
C GLN A 246 16.65 23.98 7.06
N GLU A 247 15.72 23.52 7.89
CA GLU A 247 15.41 24.11 9.21
C GLU A 247 16.48 23.79 10.26
N ARG A 248 17.02 22.56 10.32
CA ARG A 248 17.91 22.17 11.44
C ARG A 248 19.11 21.35 10.99
N GLY A 249 19.41 21.31 9.69
CA GLY A 249 20.56 20.57 9.17
C GLY A 249 20.41 19.08 9.42
N LEU A 250 19.18 18.53 9.38
CA LEU A 250 18.99 17.06 9.39
C LEU A 250 19.95 16.47 8.37
N GLN A 251 20.64 15.40 8.74
CA GLN A 251 21.59 14.76 7.83
C GLN A 251 21.02 13.39 7.45
N VAL A 252 21.34 12.96 6.23
CA VAL A 252 21.00 11.58 5.78
C VAL A 252 22.31 10.87 5.46
N HIS A 253 22.36 9.57 5.73
CA HIS A 253 23.61 8.78 5.61
C HIS A 253 23.29 7.42 5.02
N GLY A 254 24.12 6.96 4.11
CA GLY A 254 24.07 5.60 3.57
C GLY A 254 25.20 4.78 4.14
N LEU A 255 24.86 3.59 4.66
CA LEU A 255 25.86 2.64 5.21
C LEU A 255 25.67 1.31 4.54
N ILE A 256 26.75 0.52 4.53
CA ILE A 256 26.72 -0.94 4.30
C ILE A 256 27.30 -1.63 5.54
N TYR A 257 26.55 -2.62 6.05
CA TYR A 257 26.94 -3.47 7.18
C TYR A 257 27.53 -4.74 6.61
N ASP A 258 28.75 -5.09 7.00
CA ASP A 258 29.41 -6.35 6.59
C ASP A 258 29.06 -7.40 7.63
N VAL A 259 28.20 -8.36 7.29
CA VAL A 259 27.70 -9.36 8.27
C VAL A 259 28.85 -10.26 8.72
N GLY A 260 29.94 -10.33 7.96
CA GLY A 260 31.09 -11.20 8.26
C GLY A 260 32.08 -10.58 9.24
N SER A 261 32.14 -9.24 9.35
CA SER A 261 33.15 -8.51 10.16
C SER A 261 32.49 -7.73 11.31
N GLY A 262 31.21 -7.33 11.17
CA GLY A 262 30.54 -6.49 12.15
C GLY A 262 30.76 -5.01 11.91
N PHE A 263 31.54 -4.65 10.89
CA PHE A 263 31.83 -3.21 10.60
C PHE A 263 30.79 -2.63 9.62
N LEU A 264 30.39 -1.42 9.96
CA LEU A 264 29.67 -0.47 9.07
C LEU A 264 30.69 0.31 8.24
N ARG A 265 30.42 0.48 6.96
CA ARG A 265 31.17 1.43 6.08
C ARG A 265 30.21 2.47 5.50
N GLN A 266 30.69 3.72 5.42
CA GLN A 266 29.92 4.83 4.80
C GLN A 266 30.00 4.72 3.27
N LEU A 267 28.88 4.98 2.61
CA LEU A 267 28.84 5.18 1.14
C LEU A 267 29.02 6.66 0.84
N ASP A 268 29.77 6.96 -0.23
CA ASP A 268 30.00 8.33 -0.76
C ASP A 268 28.67 9.01 -1.04
N ALA A 269 27.78 8.35 -1.77
CA ALA A 269 26.37 8.76 -1.93
C ALA A 269 26.31 10.26 -2.25
N ALA A 270 27.21 10.73 -3.12
CA ALA A 270 27.28 12.13 -3.61
C ALA A 270 26.11 12.38 -4.56
N GLU A 271 25.52 13.57 -4.46
CA GLU A 271 24.65 14.19 -5.49
C GLU A 271 25.13 15.62 -5.70
N PRO A 272 25.23 16.12 -6.95
CA PRO A 272 25.43 17.55 -7.17
C PRO A 272 24.42 18.36 -6.33
N GLU A 273 24.82 19.50 -5.78
CA GLU A 273 23.93 20.39 -5.00
C GLU A 273 22.79 20.88 -5.90
N GLU A 274 23.04 20.95 -7.22
CA GLU A 274 22.01 21.15 -8.30
C GLU A 274 20.80 20.23 -8.06
N ALA A 275 21.10 18.97 -7.69
CA ALA A 275 20.11 17.89 -7.49
C ALA A 275 19.12 18.30 -6.40
N LEU A 276 19.61 18.75 -5.24
CA LEU A 276 18.76 19.09 -4.07
C LEU A 276 17.94 20.34 -4.39
N LYS A 277 18.46 21.27 -5.21
CA LYS A 277 17.71 22.49 -5.58
C LYS A 277 16.47 22.09 -6.39
N ALA A 278 16.62 21.24 -7.40
CA ALA A 278 15.50 20.74 -8.24
C ALA A 278 14.50 19.97 -7.35
N ARG A 279 15.03 19.20 -6.38
CA ARG A 279 14.18 18.37 -5.49
C ARG A 279 13.34 19.28 -4.60
N LEU A 280 13.97 20.31 -4.03
CA LEU A 280 13.28 21.34 -3.19
C LEU A 280 12.11 21.93 -3.99
N THR A 281 12.39 22.40 -5.21
CA THR A 281 11.39 23.04 -6.08
C THR A 281 10.25 22.05 -6.33
N SER A 282 10.59 20.79 -6.56
CA SER A 282 9.65 19.75 -7.06
C SER A 282 8.84 19.14 -5.91
N PHE A 283 9.35 19.16 -4.66
CA PHE A 283 8.76 18.38 -3.55
C PHE A 283 8.33 19.21 -2.34
N LYS A 284 8.89 20.40 -2.09
CA LYS A 284 8.51 21.15 -0.86
C LYS A 284 7.05 21.63 -1.00
N THR A 285 6.17 21.42 0.01
CA THR A 285 4.73 21.82 -0.05
C THR A 285 4.37 22.81 1.06
N ASP B 79 27.99 14.80 17.94
CA ASP B 79 27.47 14.16 16.72
C ASP B 79 27.23 12.68 17.03
N LYS B 80 25.95 12.30 17.23
CA LYS B 80 25.56 10.91 17.61
C LYS B 80 25.85 9.93 16.48
N PHE B 81 25.79 10.39 15.22
CA PHE B 81 26.11 9.52 14.06
C PHE B 81 27.59 9.14 14.10
N SER B 82 28.52 10.11 14.18
CA SER B 82 29.97 9.74 14.20
C SER B 82 30.27 8.95 15.47
N ALA B 83 29.64 9.29 16.61
CA ALA B 83 29.82 8.54 17.88
C ALA B 83 29.38 7.08 17.67
N ALA B 84 28.28 6.85 16.94
CA ALA B 84 27.73 5.49 16.71
C ALA B 84 28.68 4.70 15.83
N LEU B 85 29.29 5.31 14.81
CA LEU B 85 30.25 4.56 13.94
C LEU B 85 31.46 4.12 14.78
N ALA B 86 31.97 4.98 15.67
CA ALA B 86 33.11 4.64 16.55
C ALA B 86 32.70 3.50 17.49
N LYS B 87 31.50 3.56 18.07
CA LYS B 87 30.99 2.50 18.98
C LYS B 87 30.81 1.20 18.18
N ASN B 88 30.37 1.28 16.93
CA ASN B 88 30.26 0.08 16.05
C ASN B 88 31.64 -0.59 15.93
N LYS B 89 32.69 0.18 15.65
CA LYS B 89 34.03 -0.42 15.41
C LYS B 89 34.49 -1.13 16.70
N GLU B 90 34.24 -0.51 17.84
CA GLU B 90 34.64 -1.02 19.18
C GLU B 90 33.85 -2.31 19.41
N TRP B 91 32.54 -2.27 19.11
CA TRP B 91 31.66 -3.45 19.29
C TRP B 91 32.16 -4.60 18.43
N ALA B 92 32.46 -4.38 17.15
CA ALA B 92 32.87 -5.42 16.20
C ALA B 92 34.20 -6.02 16.69
N ALA B 93 35.10 -5.17 17.19
CA ALA B 93 36.41 -5.65 17.69
C ALA B 93 36.18 -6.57 18.90
N LYS B 94 35.33 -6.13 19.83
CA LYS B 94 35.02 -6.88 21.06
C LYS B 94 34.36 -8.23 20.72
N CYS B 95 33.44 -8.24 19.76
CA CYS B 95 32.73 -9.47 19.28
C CYS B 95 33.77 -10.47 18.76
N SER B 96 34.74 -10.03 17.96
CA SER B 96 35.78 -10.91 17.39
C SER B 96 36.60 -11.60 18.51
N GLN B 97 36.85 -10.89 19.61
CA GLN B 97 37.62 -11.36 20.80
C GLN B 97 36.76 -12.29 21.68
N GLU B 98 35.51 -11.94 21.94
CA GLU B 98 34.65 -12.62 22.94
C GLU B 98 33.72 -13.69 22.32
N HIS B 99 33.46 -13.64 21.02
CA HIS B 99 32.71 -14.69 20.28
C HIS B 99 33.36 -14.88 18.92
N PRO B 100 34.62 -15.40 18.86
CA PRO B 100 35.40 -15.39 17.62
C PRO B 100 34.75 -16.17 16.45
N GLU B 101 33.90 -17.16 16.76
CA GLU B 101 33.24 -17.98 15.71
C GLU B 101 31.93 -17.33 15.25
N LEU B 102 31.34 -16.40 16.02
CA LEU B 102 29.96 -15.90 15.76
C LEU B 102 29.89 -15.24 14.38
N LEU B 103 30.60 -14.13 14.14
CA LEU B 103 30.40 -13.35 12.89
C LEU B 103 30.76 -14.19 11.67
N PRO B 104 31.90 -14.92 11.63
CA PRO B 104 32.20 -15.79 10.48
C PRO B 104 31.11 -16.84 10.23
N THR B 105 30.49 -17.42 11.27
CA THR B 105 29.41 -18.43 11.06
C THR B 105 28.16 -17.72 10.54
N LEU B 106 27.83 -16.53 11.06
CA LEU B 106 26.66 -15.76 10.58
C LEU B 106 26.84 -15.36 9.12
N ALA B 107 28.06 -15.06 8.69
CA ALA B 107 28.35 -14.67 7.29
C ALA B 107 27.97 -15.82 6.33
N VAL B 108 27.96 -17.05 6.80
CA VAL B 108 27.66 -18.22 5.91
C VAL B 108 26.15 -18.23 5.66
N GLY B 109 25.34 -17.82 6.64
CA GLY B 109 23.88 -17.89 6.49
C GLY B 109 23.19 -17.61 7.81
N GLN B 110 22.07 -16.90 7.78
CA GLN B 110 21.27 -16.70 9.02
C GLN B 110 20.30 -17.85 9.20
N HIS B 111 19.99 -18.21 10.44
CA HIS B 111 19.01 -19.26 10.82
C HIS B 111 18.22 -18.80 12.03
N PRO B 112 17.59 -17.61 12.03
CA PRO B 112 16.87 -17.16 13.20
C PRO B 112 15.63 -18.05 13.37
N GLU B 113 15.25 -18.29 14.61
CA GLU B 113 14.05 -19.08 14.93
C GLU B 113 12.84 -18.19 15.23
N ILE B 114 13.06 -16.88 15.32
CA ILE B 114 12.03 -15.91 15.75
C ILE B 114 11.94 -14.81 14.70
N LEU B 115 10.69 -14.50 14.31
CA LEU B 115 10.30 -13.25 13.62
C LEU B 115 9.66 -12.37 14.71
N TRP B 116 10.20 -11.19 14.89
CA TRP B 116 9.69 -10.16 15.83
C TRP B 116 9.02 -9.07 15.01
N ILE B 117 7.77 -8.76 15.31
CA ILE B 117 7.06 -7.59 14.75
C ILE B 117 6.79 -6.67 15.94
N GLY B 118 7.45 -5.54 15.97
CA GLY B 118 7.35 -4.58 17.08
C GLY B 118 7.26 -3.14 16.63
N CYS B 119 7.23 -2.26 17.62
CA CYS B 119 7.17 -0.80 17.36
C CYS B 119 8.55 -0.27 17.03
N SER B 120 8.64 0.74 16.17
CA SER B 120 9.88 1.51 15.88
C SER B 120 10.40 2.29 17.11
N ASP B 121 9.55 2.50 18.12
CA ASP B 121 9.92 3.18 19.39
C ASP B 121 11.36 2.81 19.77
N SER B 122 12.22 3.81 20.00
CA SER B 122 13.66 3.61 20.27
C SER B 122 13.87 2.78 21.54
N ARG B 123 12.88 2.70 22.41
CA ARG B 123 13.01 1.98 23.70
C ARG B 123 12.73 0.47 23.54
N CYS B 124 12.42 -0.02 22.34
CA CYS B 124 12.06 -1.45 22.11
CA CYS B 124 12.07 -1.45 22.12
C CYS B 124 13.01 -2.14 21.12
N PRO B 125 14.35 -2.10 21.31
CA PRO B 125 15.28 -2.89 20.46
C PRO B 125 15.26 -4.37 20.83
N GLU B 126 14.72 -5.18 19.92
CA GLU B 126 14.31 -6.58 20.22
C GLU B 126 15.52 -7.38 20.74
N THR B 127 16.66 -7.30 20.07
CA THR B 127 17.80 -8.21 20.35
C THR B 127 18.32 -7.87 21.74
N THR B 128 18.39 -6.59 22.11
CA THR B 128 18.86 -6.23 23.46
C THR B 128 17.84 -6.63 24.51
N ILE B 129 16.56 -6.35 24.35
CA ILE B 129 15.60 -6.63 25.46
C ILE B 129 15.40 -8.14 25.64
N LEU B 130 15.69 -8.94 24.63
CA LEU B 130 15.57 -10.43 24.72
C LEU B 130 16.89 -11.08 25.20
N GLY B 131 17.95 -10.30 25.42
CA GLY B 131 19.28 -10.83 25.77
C GLY B 131 19.82 -11.76 24.72
N LEU B 132 19.60 -11.46 23.43
CA LEU B 132 20.02 -12.33 22.32
C LEU B 132 21.18 -11.69 21.56
N LEU B 133 21.58 -12.36 20.51
CA LEU B 133 22.75 -12.00 19.69
C LEU B 133 22.26 -11.74 18.28
N PRO B 134 23.11 -11.08 17.46
CA PRO B 134 22.89 -11.04 16.02
C PRO B 134 22.68 -12.47 15.50
N GLY B 135 21.74 -12.64 14.56
CA GLY B 135 21.35 -13.94 13.99
C GLY B 135 20.16 -14.57 14.66
N ASP B 136 19.69 -14.05 15.79
CA ASP B 136 18.65 -14.76 16.58
C ASP B 136 17.24 -14.28 16.18
N VAL B 137 17.08 -13.00 15.79
CA VAL B 137 15.71 -12.41 15.62
C VAL B 137 15.62 -11.68 14.27
N PHE B 138 14.84 -12.23 13.37
CA PHE B 138 14.42 -11.58 12.11
C PHE B 138 13.36 -10.54 12.47
N THR B 139 13.56 -9.28 12.05
CA THR B 139 12.85 -8.15 12.71
C THR B 139 12.11 -7.26 11.72
N HIS B 140 10.87 -6.92 12.06
CA HIS B 140 10.08 -5.84 11.43
C HIS B 140 9.64 -4.90 12.53
N ARG B 141 9.93 -3.62 12.37
CA ARG B 141 9.46 -2.57 13.32
C ARG B 141 8.82 -1.46 12.51
N ASN B 142 7.62 -1.06 12.93
CA ASN B 142 6.82 -0.01 12.24
C ASN B 142 6.13 0.81 13.34
N ILE B 143 5.36 1.81 12.95
CA ILE B 143 4.64 2.64 13.94
C ILE B 143 3.54 1.80 14.61
N ALA B 144 3.69 1.59 15.92
CA ALA B 144 2.70 0.91 16.79
C ALA B 144 2.48 -0.55 16.38
N ASN B 145 3.49 -1.19 15.79
CA ASN B 145 3.43 -2.66 15.54
C ASN B 145 2.09 -3.02 14.90
N VAL B 146 1.62 -2.24 13.92
CA VAL B 146 0.29 -2.42 13.29
C VAL B 146 0.43 -3.42 12.13
N ILE B 147 -0.45 -4.40 12.09
CA ILE B 147 -0.56 -5.31 10.92
C ILE B 147 -1.77 -4.93 10.08
N HIS B 148 -1.55 -4.18 9.01
CA HIS B 148 -2.58 -3.96 7.97
C HIS B 148 -2.60 -5.23 7.14
N PRO B 149 -3.75 -5.88 6.96
CA PRO B 149 -3.80 -7.16 6.23
C PRO B 149 -3.09 -7.15 4.88
N ALA B 150 -3.27 -6.11 4.10
CA ALA B 150 -2.74 -6.04 2.73
C ALA B 150 -1.49 -5.14 2.64
N ASP B 151 -0.84 -4.88 3.76
CA ASP B 151 0.42 -4.07 3.78
C ASP B 151 1.52 -4.93 3.14
N LEU B 152 2.14 -4.50 2.05
CA LEU B 152 3.21 -5.31 1.45
C LEU B 152 4.46 -5.32 2.32
N SER B 153 4.71 -4.27 3.13
CA SER B 153 5.93 -4.20 3.96
C SER B 153 5.93 -5.37 4.98
N SER B 154 4.89 -5.47 5.81
CA SER B 154 4.77 -6.60 6.76
C SER B 154 4.52 -7.89 5.97
N GLY B 155 3.76 -7.85 4.87
CA GLY B 155 3.46 -9.04 4.05
C GLY B 155 4.73 -9.71 3.55
N ALA B 156 5.64 -8.94 3.00
CA ALA B 156 6.92 -9.43 2.46
C ALA B 156 7.79 -9.96 3.59
N VAL B 157 7.85 -9.28 4.74
CA VAL B 157 8.62 -9.77 5.89
C VAL B 157 8.09 -11.15 6.30
N ILE B 158 6.77 -11.28 6.44
CA ILE B 158 6.15 -12.54 6.94
C ILE B 158 6.38 -13.66 5.94
N GLU B 159 6.26 -13.37 4.65
CA GLU B 159 6.52 -14.35 3.57
C GLU B 159 7.96 -14.84 3.68
N PHE B 160 8.90 -13.91 3.77
CA PHE B 160 10.35 -14.25 3.80
C PHE B 160 10.67 -15.05 5.07
N ALA B 161 10.21 -14.59 6.23
CA ALA B 161 10.52 -15.21 7.53
C ALA B 161 9.94 -16.62 7.55
N VAL B 162 8.67 -16.74 7.16
CA VAL B 162 7.93 -18.00 7.39
C VAL B 162 8.30 -19.00 6.28
N ARG B 163 8.28 -18.61 5.02
CA ARG B 163 8.47 -19.57 3.92
C ARG B 163 9.97 -19.82 3.68
N HIS B 164 10.80 -18.78 3.66
CA HIS B 164 12.22 -18.90 3.25
C HIS B 164 13.10 -19.22 4.47
N LEU B 165 13.02 -18.48 5.58
CA LEU B 165 13.87 -18.76 6.75
C LEU B 165 13.27 -19.85 7.64
N ARG B 166 11.98 -20.12 7.51
CA ARG B 166 11.27 -21.13 8.32
C ARG B 166 11.45 -20.83 9.80
N VAL B 167 11.18 -19.59 10.21
CA VAL B 167 11.20 -19.27 11.67
C VAL B 167 10.17 -20.19 12.35
N LYS B 168 10.42 -20.52 13.61
CA LYS B 168 9.51 -21.40 14.39
C LYS B 168 8.49 -20.56 15.15
N HIS B 169 8.81 -19.27 15.37
CA HIS B 169 7.95 -18.41 16.20
C HIS B 169 7.75 -17.08 15.50
N VAL B 170 6.53 -16.59 15.51
CA VAL B 170 6.23 -15.17 15.18
C VAL B 170 5.75 -14.49 16.45
N VAL B 171 6.41 -13.41 16.83
CA VAL B 171 6.07 -12.65 18.06
C VAL B 171 5.60 -11.27 17.61
N ILE B 172 4.40 -10.87 18.01
CA ILE B 172 3.99 -9.45 17.88
C ILE B 172 4.14 -8.85 19.27
N CYS B 173 4.91 -7.78 19.36
CA CYS B 173 5.24 -7.13 20.62
C CYS B 173 4.77 -5.69 20.55
N GLY B 174 3.74 -5.37 21.34
CA GLY B 174 3.34 -3.98 21.63
C GLY B 174 4.07 -3.48 22.85
N HIS B 175 3.87 -2.23 23.26
CA HIS B 175 4.61 -1.69 24.40
C HIS B 175 3.78 -0.61 25.08
N THR B 176 4.11 -0.36 26.34
CA THR B 176 3.52 0.72 27.14
C THR B 176 4.07 2.04 26.62
N LYS B 177 3.30 3.12 26.78
CA LYS B 177 3.71 4.49 26.38
C LYS B 177 3.95 4.55 24.88
N CYS B 178 3.16 3.82 24.09
CA CYS B 178 3.26 3.82 22.62
C CYS B 178 2.66 5.13 22.07
N GLY B 179 3.47 5.93 21.39
CA GLY B 179 3.05 7.19 20.74
C GLY B 179 1.99 6.98 19.67
N GLY B 180 2.05 5.86 18.92
CA GLY B 180 1.05 5.56 17.90
C GLY B 180 -0.27 5.25 18.53
N VAL B 181 -0.26 4.44 19.59
CA VAL B 181 -1.50 4.12 20.34
C VAL B 181 -2.09 5.43 20.90
N ALA B 182 -1.27 6.26 21.54
CA ALA B 182 -1.75 7.55 22.11
C ALA B 182 -2.34 8.44 21.01
N ALA B 183 -1.67 8.53 19.85
CA ALA B 183 -2.15 9.34 18.71
C ALA B 183 -3.57 8.90 18.34
N ALA B 184 -3.81 7.59 18.29
CA ALA B 184 -5.09 7.02 17.86
C ALA B 184 -6.20 7.35 18.86
N LEU B 185 -5.87 7.58 20.13
CA LEU B 185 -6.87 7.93 21.17
C LEU B 185 -7.16 9.45 21.19
N GLY B 186 -6.34 10.23 20.50
CA GLY B 186 -6.56 11.68 20.31
C GLY B 186 -7.32 11.97 19.01
N ASN B 187 -7.57 13.25 18.73
CA ASN B 187 -8.30 13.61 17.50
C ASN B 187 -7.56 14.73 16.80
N LYS B 188 -6.24 14.74 16.88
CA LYS B 188 -5.36 15.62 16.09
C LYS B 188 -5.01 14.91 14.77
N GLY B 189 -5.10 15.63 13.65
CA GLY B 189 -4.68 15.16 12.32
C GLY B 189 -3.18 15.13 12.24
N LEU B 190 -2.59 14.03 11.79
CA LEU B 190 -1.13 13.80 11.81
C LEU B 190 -0.64 13.46 10.41
N GLY B 191 -1.35 13.92 9.39
CA GLY B 191 -0.88 13.79 8.00
C GLY B 191 -0.84 12.32 7.61
N ILE B 192 0.29 11.87 7.09
CA ILE B 192 0.44 10.50 6.55
C ILE B 192 0.26 9.48 7.67
N LEU B 193 0.41 9.85 8.93
CA LEU B 193 0.14 8.92 10.05
C LEU B 193 -1.32 8.53 10.09
N ASP B 194 -2.25 9.36 9.62
CA ASP B 194 -3.70 9.13 9.82
C ASP B 194 -4.12 7.82 9.16
N PRO B 195 -3.86 7.57 7.86
CA PRO B 195 -4.23 6.29 7.27
C PRO B 195 -3.49 5.12 7.96
N TRP B 196 -2.23 5.33 8.32
CA TRP B 196 -1.44 4.26 8.99
C TRP B 196 -2.15 3.82 10.28
N LEU B 197 -2.72 4.76 11.03
CA LEU B 197 -3.26 4.47 12.38
C LEU B 197 -4.73 4.02 12.31
N ILE B 198 -5.33 3.92 11.13
CA ILE B 198 -6.76 3.52 11.01
C ILE B 198 -7.04 2.25 11.82
N PRO B 199 -6.23 1.15 11.78
CA PRO B 199 -6.58 -0.06 12.51
C PRO B 199 -6.74 0.14 14.04
N LEU B 200 -5.96 1.07 14.60
CA LEU B 200 -6.04 1.46 16.01
C LEU B 200 -7.36 2.21 16.24
N ARG B 201 -7.75 3.10 15.35
CA ARG B 201 -9.06 3.81 15.47
C ARG B 201 -10.21 2.86 15.25
N GLN B 202 -10.06 1.81 14.43
CA GLN B 202 -11.14 0.80 14.27
C GLN B 202 -11.35 0.07 15.60
N LEU B 203 -10.25 -0.31 16.27
CA LEU B 203 -10.29 -0.95 17.61
C LEU B 203 -10.87 0.05 18.61
N ARG B 204 -10.51 1.32 18.51
CA ARG B 204 -11.05 2.37 19.42
C ARG B 204 -12.59 2.43 19.27
N GLU B 205 -13.06 2.47 18.04
CA GLU B 205 -14.53 2.47 17.76
C GLU B 205 -15.16 1.22 18.32
N GLN B 206 -14.60 0.04 18.06
CA GLN B 206 -15.20 -1.24 18.46
C GLN B 206 -15.26 -1.35 19.99
N HIS B 207 -14.28 -0.78 20.68
CA HIS B 207 -14.11 -0.94 22.14
C HIS B 207 -14.29 0.42 22.84
N LEU B 208 -15.10 1.31 22.25
CA LEU B 208 -15.13 2.74 22.69
C LEU B 208 -15.58 2.83 24.16
N ALA B 209 -16.66 2.15 24.55
CA ALA B 209 -17.19 2.23 25.94
C ALA B 209 -16.11 1.75 26.92
N GLU B 210 -15.48 0.61 26.64
CA GLU B 210 -14.40 0.04 27.48
C GLU B 210 -13.25 1.05 27.60
N LEU B 211 -12.81 1.65 26.49
CA LEU B 211 -11.66 2.59 26.52
C LEU B 211 -12.05 3.89 27.25
N GLN B 212 -13.27 4.36 27.06
CA GLN B 212 -13.74 5.62 27.71
C GLN B 212 -13.85 5.40 29.23
N SER B 213 -14.00 4.18 29.72
CA SER B 213 -14.13 3.83 31.17
C SER B 213 -12.76 3.90 31.88
N LEU B 214 -11.67 4.05 31.12
CA LEU B 214 -10.29 4.07 31.62
C LEU B 214 -9.73 5.49 31.61
N SER B 215 -8.69 5.72 32.42
CA SER B 215 -7.82 6.92 32.33
C SER B 215 -7.10 6.90 30.98
N ARG B 216 -6.55 8.04 30.55
CA ARG B 216 -5.73 8.07 29.31
C ARG B 216 -4.60 7.05 29.44
N ASP B 217 -3.90 6.96 30.58
CA ASP B 217 -2.71 6.07 30.70
C ASP B 217 -3.18 4.61 30.64
N GLU B 218 -4.30 4.28 31.28
CA GLU B 218 -4.85 2.90 31.26
C GLU B 218 -5.32 2.55 29.83
N ALA B 219 -5.93 3.50 29.12
CA ALA B 219 -6.45 3.30 27.74
C ALA B 219 -5.28 3.04 26.79
N VAL B 220 -4.14 3.70 26.98
CA VAL B 220 -2.95 3.52 26.10
C VAL B 220 -2.47 2.07 26.29
N VAL B 221 -2.43 1.55 27.52
CA VAL B 221 -2.09 0.11 27.75
C VAL B 221 -3.14 -0.77 27.07
N ARG B 222 -4.43 -0.51 27.31
CA ARG B 222 -5.52 -1.41 26.88
C ARG B 222 -5.55 -1.47 25.34
N LEU B 223 -5.45 -0.31 24.70
CA LEU B 223 -5.54 -0.29 23.22
C LEU B 223 -4.25 -0.94 22.67
N ALA B 224 -3.11 -0.79 23.34
CA ALA B 224 -1.88 -1.50 22.91
C ALA B 224 -2.13 -3.01 22.91
N GLU B 225 -2.77 -3.54 23.95
CA GLU B 225 -3.09 -4.98 24.06
C GLU B 225 -4.07 -5.39 22.97
N LEU B 226 -5.14 -4.61 22.76
CA LEU B 226 -6.15 -4.92 21.73
C LEU B 226 -5.47 -4.96 20.35
N ASN B 227 -4.51 -4.05 20.12
CA ASN B 227 -3.77 -3.98 18.82
C ASN B 227 -2.91 -5.24 18.63
N VAL B 228 -2.24 -5.73 19.66
CA VAL B 228 -1.43 -6.97 19.57
C VAL B 228 -2.37 -8.12 19.26
N LYS B 229 -3.49 -8.22 19.95
CA LYS B 229 -4.40 -9.37 19.72
C LYS B 229 -4.98 -9.34 18.31
N GLU B 230 -5.35 -8.17 17.80
CA GLU B 230 -5.89 -8.00 16.44
C GLU B 230 -4.79 -8.31 15.42
N GLY B 231 -3.56 -7.94 15.73
CA GLY B 231 -2.40 -8.25 14.87
C GLY B 231 -2.20 -9.74 14.74
N LEU B 232 -2.38 -10.50 15.82
CA LEU B 232 -2.21 -11.97 15.76
C LEU B 232 -3.29 -12.58 14.88
N LYS B 233 -4.50 -12.03 14.92
CA LYS B 233 -5.60 -12.48 14.04
C LYS B 233 -5.22 -12.19 12.58
N ALA B 234 -4.79 -10.96 12.29
CA ALA B 234 -4.41 -10.55 10.92
C ALA B 234 -3.26 -11.45 10.43
N LEU B 235 -2.30 -11.75 11.32
CA LEU B 235 -1.12 -12.57 11.03
C LEU B 235 -1.58 -13.96 10.57
N THR B 236 -2.58 -14.53 11.24
CA THR B 236 -3.07 -15.89 10.94
C THR B 236 -4.02 -15.92 9.75
N GLN B 237 -4.53 -14.77 9.28
CA GLN B 237 -5.37 -14.67 8.05
C GLN B 237 -4.47 -14.59 6.82
N LYS B 238 -3.46 -15.42 6.80
CA LYS B 238 -2.44 -15.46 5.73
C LYS B 238 -2.18 -16.92 5.47
N SER B 239 -2.34 -17.34 4.23
CA SER B 239 -2.13 -18.78 3.90
C SER B 239 -0.71 -19.22 4.31
N VAL B 240 0.31 -18.39 4.10
CA VAL B 240 1.70 -18.78 4.42
C VAL B 240 1.85 -19.17 5.91
N VAL B 241 1.20 -18.44 6.78
CA VAL B 241 1.22 -18.71 8.23
C VAL B 241 0.39 -19.96 8.54
N LEU B 242 -0.83 -20.04 8.04
CA LEU B 242 -1.71 -21.22 8.33
C LEU B 242 -1.03 -22.50 7.83
N GLU B 243 -0.40 -22.44 6.67
CA GLU B 243 0.37 -23.57 6.08
C GLU B 243 1.45 -24.00 7.07
N ALA B 244 2.26 -23.06 7.58
CA ALA B 244 3.40 -23.36 8.47
C ALA B 244 2.87 -23.88 9.81
N MET B 245 1.74 -23.39 10.30
CA MET B 245 1.17 -23.86 11.58
C MET B 245 0.84 -25.36 11.44
N GLN B 246 0.21 -25.76 10.35
CA GLN B 246 -0.19 -27.19 10.15
C GLN B 246 0.98 -28.06 9.73
N GLU B 247 1.85 -27.56 8.87
CA GLU B 247 2.94 -28.37 8.24
C GLU B 247 4.10 -28.56 9.21
N ARG B 248 4.50 -27.54 9.98
CA ARG B 248 5.75 -27.60 10.77
C ARG B 248 5.60 -26.97 12.15
N GLY B 249 4.39 -26.78 12.64
CA GLY B 249 4.13 -26.37 14.03
C GLY B 249 4.62 -24.95 14.32
N LEU B 250 4.59 -24.06 13.34
CA LEU B 250 4.84 -22.61 13.62
C LEU B 250 3.96 -22.17 14.79
N GLN B 251 4.50 -21.37 15.70
CA GLN B 251 3.68 -20.78 16.79
C GLN B 251 3.63 -19.28 16.67
N VAL B 252 2.54 -18.69 17.15
CA VAL B 252 2.43 -17.18 17.14
C VAL B 252 2.18 -16.73 18.58
N HIS B 253 2.74 -15.59 18.97
CA HIS B 253 2.73 -15.14 20.38
C HIS B 253 2.54 -13.62 20.43
N GLY B 254 1.76 -13.13 21.40
CA GLY B 254 1.58 -11.70 21.65
C GLY B 254 2.23 -11.32 22.97
N LEU B 255 3.01 -10.24 22.96
CA LEU B 255 3.67 -9.70 24.15
C LEU B 255 3.33 -8.21 24.27
N ILE B 256 3.45 -7.71 25.47
CA ILE B 256 3.56 -6.24 25.77
C ILE B 256 4.86 -6.01 26.52
N TYR B 257 5.66 -5.06 26.03
CA TYR B 257 6.92 -4.65 26.64
C TYR B 257 6.63 -3.43 27.55
N ASP B 258 7.02 -3.50 28.81
CA ASP B 258 6.93 -2.34 29.74
C ASP B 258 8.22 -1.56 29.65
N VAL B 259 8.20 -0.38 29.03
CA VAL B 259 9.43 0.42 28.80
C VAL B 259 10.01 0.89 30.13
N GLY B 260 9.23 0.92 31.20
CA GLY B 260 9.63 1.39 32.53
C GLY B 260 10.31 0.32 33.38
N SER B 261 10.07 -0.97 33.11
CA SER B 261 10.57 -2.10 33.95
C SER B 261 11.54 -2.98 33.15
N GLY B 262 11.45 -3.00 31.83
CA GLY B 262 12.23 -3.88 30.97
C GLY B 262 11.60 -5.26 30.81
N PHE B 263 10.44 -5.52 31.44
CA PHE B 263 9.80 -6.84 31.34
C PHE B 263 8.82 -6.95 30.18
N LEU B 264 8.92 -8.09 29.47
CA LEU B 264 7.91 -8.57 28.52
C LEU B 264 6.85 -9.36 29.28
N ARG B 265 5.58 -9.07 29.02
CA ARG B 265 4.40 -9.77 29.56
C ARG B 265 3.74 -10.50 28.40
N GLN B 266 3.44 -11.78 28.58
CA GLN B 266 2.66 -12.56 27.58
C GLN B 266 1.18 -12.17 27.67
N LEU B 267 0.53 -12.01 26.53
CA LEU B 267 -0.93 -11.79 26.48
C LEU B 267 -1.61 -13.16 26.35
N ASP B 268 -2.74 -13.31 27.02
CA ASP B 268 -3.66 -14.49 26.97
C ASP B 268 -4.06 -14.75 25.53
N ALA B 269 -4.53 -13.70 24.83
CA ALA B 269 -4.71 -13.73 23.36
C ALA B 269 -5.45 -15.02 22.96
N ALA B 270 -6.47 -15.39 23.73
CA ALA B 270 -7.32 -16.59 23.51
C ALA B 270 -8.22 -16.36 22.29
N GLU B 271 -8.35 -17.40 21.46
CA GLU B 271 -9.41 -17.58 20.45
C GLU B 271 -9.90 -19.02 20.61
N PRO B 272 -11.22 -19.29 20.56
CA PRO B 272 -11.70 -20.66 20.43
C PRO B 272 -10.97 -21.35 19.26
N GLU B 273 -10.66 -22.65 19.38
CA GLU B 273 -10.06 -23.50 18.32
C GLU B 273 -11.00 -23.48 17.08
N GLU B 274 -12.29 -23.33 17.32
CA GLU B 274 -13.36 -23.07 16.29
C GLU B 274 -12.91 -21.95 15.34
N ALA B 275 -12.28 -20.91 15.92
CA ALA B 275 -11.82 -19.71 15.19
C ALA B 275 -10.80 -20.12 14.13
N LEU B 276 -9.78 -20.91 14.49
CA LEU B 276 -8.71 -21.30 13.52
C LEU B 276 -9.28 -22.22 12.44
N LYS B 277 -10.29 -23.04 12.78
CA LYS B 277 -10.94 -23.94 11.79
C LYS B 277 -11.58 -23.11 10.67
N ALA B 278 -12.37 -22.10 11.03
CA ALA B 278 -13.06 -21.23 10.05
C ALA B 278 -12.00 -20.46 9.24
N ARG B 279 -10.91 -20.07 9.89
CA ARG B 279 -9.84 -19.26 9.24
C ARG B 279 -9.14 -20.14 8.20
N LEU B 280 -8.81 -21.37 8.57
CA LEU B 280 -8.22 -22.37 7.62
C LEU B 280 -9.12 -22.50 6.39
N THR B 281 -10.42 -22.73 6.61
CA THR B 281 -11.39 -22.90 5.49
C THR B 281 -11.38 -21.66 4.59
N SER B 282 -11.32 -20.49 5.21
CA SER B 282 -11.54 -19.19 4.55
C SER B 282 -10.28 -18.68 3.89
N PHE B 283 -9.08 -19.08 4.35
CA PHE B 283 -7.80 -18.46 3.92
C PHE B 283 -6.79 -19.43 3.32
N LYS B 284 -6.77 -20.70 3.72
CA LYS B 284 -5.69 -21.62 3.26
C LYS B 284 -5.98 -21.93 1.78
N THR B 285 -5.01 -21.70 0.89
CA THR B 285 -5.11 -21.99 -0.56
C THR B 285 -4.15 -23.12 -0.94
N ASP B 286 -4.50 -23.86 -2.01
CA ASP B 286 -3.86 -25.12 -2.45
C ASP B 286 -2.53 -24.78 -3.10
N LEU C 77 -36.49 15.84 -6.03
CA LEU C 77 -36.46 16.22 -7.50
C LEU C 77 -35.07 16.72 -7.91
N SER C 78 -34.30 17.31 -7.00
CA SER C 78 -32.93 17.81 -7.29
C SER C 78 -31.87 16.75 -6.95
N ASP C 79 -32.28 15.68 -6.28
CA ASP C 79 -31.36 14.64 -5.75
C ASP C 79 -30.78 13.86 -6.95
N LYS C 80 -29.48 14.02 -7.22
CA LYS C 80 -28.80 13.38 -8.39
C LYS C 80 -28.72 11.86 -8.20
N PHE C 81 -28.65 11.39 -6.96
CA PHE C 81 -28.61 9.94 -6.67
C PHE C 81 -29.95 9.32 -7.09
N SER C 82 -31.08 9.84 -6.60
CA SER C 82 -32.39 9.25 -6.96
C SER C 82 -32.62 9.43 -8.47
N ALA C 83 -32.19 10.55 -9.06
CA ALA C 83 -32.32 10.78 -10.51
C ALA C 83 -31.52 9.69 -11.27
N ALA C 84 -30.34 9.32 -10.76
CA ALA C 84 -29.47 8.32 -11.42
C ALA C 84 -30.12 6.94 -11.33
N LEU C 85 -30.76 6.58 -10.22
CA LEU C 85 -31.43 5.25 -10.12
C LEU C 85 -32.61 5.21 -11.11
N ALA C 86 -33.35 6.29 -11.28
CA ALA C 86 -34.48 6.36 -12.24
C ALA C 86 -33.93 6.20 -13.66
N LYS C 87 -32.83 6.88 -13.98
CA LYS C 87 -32.21 6.79 -15.32
C LYS C 87 -31.65 5.39 -15.53
N ASN C 88 -31.13 4.75 -14.50
CA ASN C 88 -30.70 3.33 -14.60
C ASN C 88 -31.89 2.47 -15.06
N LYS C 89 -33.05 2.63 -14.46
CA LYS C 89 -34.23 1.79 -14.82
C LYS C 89 -34.63 2.09 -16.27
N GLU C 90 -34.52 3.33 -16.71
CA GLU C 90 -34.83 3.74 -18.11
C GLU C 90 -33.81 3.05 -19.02
N TRP C 91 -32.53 3.02 -18.62
CA TRP C 91 -31.48 2.35 -19.41
C TRP C 91 -31.75 0.84 -19.48
N ALA C 92 -32.13 0.18 -18.38
CA ALA C 92 -32.50 -1.25 -18.35
C ALA C 92 -33.69 -1.48 -19.32
N ALA C 93 -34.66 -0.58 -19.31
CA ALA C 93 -35.85 -0.66 -20.23
C ALA C 93 -35.38 -0.58 -21.67
N LYS C 94 -34.49 0.35 -22.00
CA LYS C 94 -33.95 0.56 -23.36
C LYS C 94 -33.20 -0.69 -23.80
N CYS C 95 -32.37 -1.29 -22.93
CA CYS C 95 -31.67 -2.56 -23.23
C CYS C 95 -32.67 -3.67 -23.58
N SER C 96 -33.70 -3.83 -22.75
CA SER C 96 -34.73 -4.89 -22.88
C SER C 96 -35.45 -4.71 -24.23
N GLN C 97 -35.71 -3.47 -24.61
CA GLN C 97 -36.50 -3.11 -25.83
C GLN C 97 -35.64 -3.24 -27.09
N GLU C 98 -34.40 -2.75 -27.06
CA GLU C 98 -33.58 -2.58 -28.27
C GLU C 98 -32.66 -3.78 -28.43
N HIS C 99 -32.15 -4.39 -27.36
CA HIS C 99 -31.10 -5.45 -27.46
C HIS C 99 -31.35 -6.51 -26.38
N PRO C 100 -32.50 -7.21 -26.41
CA PRO C 100 -32.94 -8.01 -25.26
C PRO C 100 -31.99 -9.17 -24.90
N GLU C 101 -31.15 -9.61 -25.84
CA GLU C 101 -30.19 -10.72 -25.60
C GLU C 101 -28.88 -10.20 -24.99
N LEU C 102 -28.55 -8.91 -25.06
CA LEU C 102 -27.22 -8.37 -24.65
C LEU C 102 -26.95 -8.73 -23.18
N LEU C 103 -27.72 -8.20 -22.23
CA LEU C 103 -27.40 -8.34 -20.79
C LEU C 103 -27.43 -9.81 -20.38
N PRO C 104 -28.44 -10.62 -20.75
CA PRO C 104 -28.42 -12.05 -20.41
C PRO C 104 -27.19 -12.77 -20.99
N THR C 105 -26.72 -12.42 -22.18
CA THR C 105 -25.52 -13.09 -22.76
C THR C 105 -24.27 -12.62 -21.99
N LEU C 106 -24.19 -11.33 -21.64
CA LEU C 106 -23.04 -10.84 -20.80
C LEU C 106 -23.04 -11.52 -19.44
N ALA C 107 -24.21 -11.81 -18.86
CA ALA C 107 -24.31 -12.46 -17.54
C ALA C 107 -23.67 -13.85 -17.56
N VAL C 108 -23.52 -14.47 -18.73
CA VAL C 108 -22.91 -15.83 -18.81
C VAL C 108 -21.40 -15.70 -18.55
N GLY C 109 -20.79 -14.60 -18.96
CA GLY C 109 -19.35 -14.37 -18.70
C GLY C 109 -18.82 -13.22 -19.50
N GLN C 110 -17.91 -12.44 -18.92
CA GLN C 110 -17.33 -11.28 -19.64
C GLN C 110 -16.14 -11.74 -20.49
N HIS C 111 -15.90 -11.09 -21.61
CA HIS C 111 -14.78 -11.34 -22.55
C HIS C 111 -14.26 -10.03 -23.09
N PRO C 112 -13.89 -9.05 -22.23
CA PRO C 112 -13.36 -7.80 -22.76
C PRO C 112 -11.99 -8.05 -23.37
N GLU C 113 -11.64 -7.32 -24.42
CA GLU C 113 -10.30 -7.41 -25.05
C GLU C 113 -9.41 -6.26 -24.62
N ILE C 114 -9.96 -5.31 -23.86
CA ILE C 114 -9.26 -4.06 -23.47
C ILE C 114 -9.27 -3.95 -21.94
N LEU C 115 -8.09 -3.70 -21.38
CA LEU C 115 -7.94 -3.11 -20.02
C LEU C 115 -7.65 -1.64 -20.21
N TRP C 116 -8.48 -0.80 -19.59
CA TRP C 116 -8.31 0.66 -19.58
C TRP C 116 -7.83 1.06 -18.19
N ILE C 117 -6.72 1.79 -18.12
CA ILE C 117 -6.25 2.45 -16.88
C ILE C 117 -6.32 3.94 -17.16
N GLY C 118 -7.25 4.61 -16.53
CA GLY C 118 -7.46 6.06 -16.71
C GLY C 118 -7.66 6.80 -15.42
N CYS C 119 -7.89 8.08 -15.56
CA CYS C 119 -8.15 8.99 -14.43
C CYS C 119 -9.59 8.82 -13.96
N SER C 120 -9.81 8.97 -12.66
CA SER C 120 -11.15 9.07 -12.04
C SER C 120 -11.95 10.29 -12.53
N ASP C 121 -11.28 11.30 -13.08
CA ASP C 121 -11.92 12.51 -13.65
C ASP C 121 -13.25 12.12 -14.31
N SER C 122 -14.33 12.76 -13.90
CA SER C 122 -15.71 12.47 -14.34
C SER C 122 -15.85 12.68 -15.86
N ARG C 123 -14.92 13.38 -16.48
CA ARG C 123 -15.01 13.66 -17.93
C ARG C 123 -14.44 12.52 -18.76
N CYS C 124 -13.91 11.45 -18.14
CA CYS C 124 -13.21 10.36 -18.87
CA CYS C 124 -13.22 10.36 -18.90
C CYS C 124 -13.87 9.00 -18.63
N PRO C 125 -15.20 8.84 -18.84
CA PRO C 125 -15.83 7.50 -18.80
C PRO C 125 -15.49 6.66 -20.04
N GLU C 126 -14.71 5.62 -19.84
CA GLU C 126 -14.00 4.91 -20.95
C GLU C 126 -15.04 4.36 -21.95
N THR C 127 -16.08 3.69 -21.48
CA THR C 127 -17.00 2.94 -22.36
C THR C 127 -17.77 3.97 -23.22
N THR C 128 -18.16 5.10 -22.64
CA THR C 128 -18.86 6.17 -23.37
C THR C 128 -17.92 6.77 -24.43
N ILE C 129 -16.71 7.19 -24.04
CA ILE C 129 -15.87 8.00 -24.97
C ILE C 129 -15.32 7.10 -26.09
N LEU C 130 -15.30 5.79 -25.89
CA LEU C 130 -14.84 4.83 -26.93
C LEU C 130 -16.00 4.37 -27.82
N GLY C 131 -17.24 4.82 -27.55
CA GLY C 131 -18.43 4.34 -28.28
C GLY C 131 -18.62 2.84 -28.15
N LEU C 132 -18.36 2.27 -26.97
CA LEU C 132 -18.43 0.81 -26.76
C LEU C 132 -19.60 0.49 -25.83
N LEU C 133 -19.73 -0.77 -25.48
CA LEU C 133 -20.87 -1.33 -24.74
C LEU C 133 -20.33 -1.93 -23.45
N PRO C 134 -21.23 -2.18 -22.47
CA PRO C 134 -20.90 -3.05 -21.36
C PRO C 134 -20.30 -4.36 -21.89
N GLY C 135 -19.28 -4.86 -21.20
CA GLY C 135 -18.53 -6.08 -21.57
C GLY C 135 -17.30 -5.81 -22.41
N ASP C 136 -17.09 -4.59 -22.89
CA ASP C 136 -15.99 -4.32 -23.85
C ASP C 136 -14.71 -3.89 -23.14
N VAL C 137 -14.82 -3.18 -22.00
CA VAL C 137 -13.63 -2.54 -21.37
C VAL C 137 -13.52 -2.86 -19.88
N PHE C 138 -12.55 -3.68 -19.51
CA PHE C 138 -12.17 -3.94 -18.09
C PHE C 138 -11.45 -2.70 -17.59
N THR C 139 -11.87 -2.12 -16.46
CA THR C 139 -11.51 -0.71 -16.17
C THR C 139 -10.91 -0.53 -14.77
N HIS C 140 -9.79 0.19 -14.72
CA HIS C 140 -9.22 0.79 -13.48
C HIS C 140 -9.11 2.29 -13.67
N ARG C 141 -9.68 3.05 -12.73
CA ARG C 141 -9.57 4.52 -12.73
C ARG C 141 -9.12 4.97 -11.34
N ASN C 142 -8.11 5.82 -11.32
CA ASN C 142 -7.50 6.32 -10.05
C ASN C 142 -7.14 7.78 -10.28
N ILE C 143 -6.60 8.43 -9.26
CA ILE C 143 -6.17 9.85 -9.40
C ILE C 143 -4.98 9.94 -10.36
N ALA C 144 -5.20 10.64 -11.49
CA ALA C 144 -4.16 10.94 -12.51
C ALA C 144 -3.58 9.69 -13.14
N ASN C 145 -4.35 8.59 -13.21
CA ASN C 145 -3.94 7.38 -13.96
C ASN C 145 -2.46 7.06 -13.62
N VAL C 146 -2.12 7.06 -12.33
CA VAL C 146 -0.74 6.82 -11.85
C VAL C 146 -0.55 5.32 -11.63
N ILE C 147 0.54 4.78 -12.15
CA ILE C 147 0.96 3.38 -11.88
C ILE C 147 2.12 3.41 -10.89
N HIS C 148 1.82 3.22 -9.61
CA HIS C 148 2.85 2.92 -8.59
C HIS C 148 3.21 1.48 -8.79
N PRO C 149 4.49 1.14 -9.00
CA PRO C 149 4.88 -0.24 -9.28
C PRO C 149 4.32 -1.28 -8.29
N ALA C 150 4.34 -0.98 -7.00
CA ALA C 150 3.94 -1.94 -5.95
C ALA C 150 2.54 -1.64 -5.39
N ASP C 151 1.74 -0.84 -6.09
CA ASP C 151 0.32 -0.61 -5.74
C ASP C 151 -0.46 -1.91 -5.98
N LEU C 152 -1.05 -2.48 -4.94
CA LEU C 152 -1.86 -3.71 -5.10
C LEU C 152 -3.15 -3.44 -5.85
N SER C 153 -3.71 -2.24 -5.78
CA SER C 153 -4.98 -1.93 -6.48
C SER C 153 -4.80 -2.09 -7.99
N SER C 154 -3.87 -1.36 -8.59
CA SER C 154 -3.57 -1.51 -10.03
C SER C 154 -2.95 -2.88 -10.28
N GLY C 155 -2.10 -3.38 -9.38
CA GLY C 155 -1.44 -4.69 -9.55
C GLY C 155 -2.45 -5.80 -9.72
N ALA C 156 -3.46 -5.84 -8.87
CA ALA C 156 -4.50 -6.88 -8.90
C ALA C 156 -5.34 -6.74 -10.19
N VAL C 157 -5.67 -5.54 -10.62
CA VAL C 157 -6.44 -5.30 -11.86
C VAL C 157 -5.63 -5.85 -13.04
N ILE C 158 -4.35 -5.51 -13.09
CA ILE C 158 -3.49 -5.93 -14.23
C ILE C 158 -3.37 -7.45 -14.25
N GLU C 159 -3.17 -8.06 -13.10
CA GLU C 159 -3.03 -9.54 -12.99
C GLU C 159 -4.32 -10.18 -13.51
N PHE C 160 -5.48 -9.70 -13.03
CA PHE C 160 -6.78 -10.30 -13.40
C PHE C 160 -7.04 -10.11 -14.90
N ALA C 161 -6.83 -8.91 -15.43
CA ALA C 161 -7.14 -8.60 -16.83
C ALA C 161 -6.21 -9.42 -17.73
N VAL C 162 -4.92 -9.44 -17.43
CA VAL C 162 -3.91 -10.00 -18.35
C VAL C 162 -3.90 -11.53 -18.24
N ARG C 163 -3.87 -12.09 -17.04
CA ARG C 163 -3.70 -13.54 -16.88
C ARG C 163 -5.06 -14.24 -17.02
N HIS C 164 -6.10 -13.72 -16.40
CA HIS C 164 -7.40 -14.45 -16.27
C HIS C 164 -8.33 -14.08 -17.44
N LEU C 165 -8.54 -12.82 -17.77
CA LEU C 165 -9.42 -12.44 -18.90
C LEU C 165 -8.65 -12.47 -20.23
N ARG C 166 -7.32 -12.46 -20.20
CA ARG C 166 -6.47 -12.49 -21.42
C ARG C 166 -6.84 -11.33 -22.35
N VAL C 167 -6.89 -10.11 -21.80
CA VAL C 167 -7.11 -8.93 -22.66
C VAL C 167 -5.99 -8.89 -23.71
N LYS C 168 -6.27 -8.32 -24.86
CA LYS C 168 -5.29 -8.20 -25.97
C LYS C 168 -4.63 -6.83 -25.92
N HIS C 169 -5.24 -5.85 -25.25
CA HIS C 169 -4.76 -4.46 -25.23
C HIS C 169 -4.81 -3.93 -23.80
N VAL C 170 -3.72 -3.30 -23.37
CA VAL C 170 -3.72 -2.46 -22.14
C VAL C 170 -3.53 -1.01 -22.57
N VAL C 171 -4.46 -0.15 -22.18
CA VAL C 171 -4.43 1.29 -22.55
C VAL C 171 -4.22 2.06 -21.26
N ILE C 172 -3.23 2.93 -21.22
CA ILE C 172 -3.13 3.96 -20.15
C ILE C 172 -3.54 5.26 -20.81
N CYS C 173 -4.60 5.85 -20.29
CA CYS C 173 -5.17 7.08 -20.82
C CYS C 173 -5.03 8.18 -19.80
N GLY C 174 -4.18 9.17 -20.11
CA GLY C 174 -4.14 10.46 -19.41
C GLY C 174 -5.09 11.44 -20.06
N HIS C 175 -5.23 12.64 -19.52
CA HIS C 175 -6.18 13.60 -20.11
C HIS C 175 -5.69 15.01 -19.86
N THR C 176 -6.21 15.92 -20.68
CA THR C 176 -5.95 17.36 -20.53
C THR C 176 -6.72 17.86 -19.31
N LYS C 177 -6.21 18.90 -18.68
CA LYS C 177 -6.84 19.55 -17.49
C LYS C 177 -6.95 18.54 -16.33
N CYS C 178 -5.93 17.71 -16.17
CA CYS C 178 -5.89 16.72 -15.05
C CYS C 178 -5.51 17.46 -13.76
N GLY C 179 -6.42 17.45 -12.78
CA GLY C 179 -6.22 18.06 -11.45
C GLY C 179 -5.06 17.42 -10.68
N GLY C 180 -4.82 16.12 -10.84
CA GLY C 180 -3.69 15.45 -10.17
C GLY C 180 -2.38 15.90 -10.77
N VAL C 181 -2.31 15.99 -12.09
CA VAL C 181 -1.07 16.49 -12.76
C VAL C 181 -0.85 17.94 -12.31
N ALA C 182 -1.88 18.78 -12.32
CA ALA C 182 -1.74 20.21 -11.91
C ALA C 182 -1.28 20.30 -10.44
N ALA C 183 -1.84 19.48 -9.54
CA ALA C 183 -1.46 19.45 -8.12
C ALA C 183 0.04 19.18 -8.00
N ALA C 184 0.59 18.27 -8.79
CA ALA C 184 2.00 17.87 -8.72
C ALA C 184 2.92 19.05 -9.15
N LEU C 185 2.41 19.95 -10.00
CA LEU C 185 3.19 21.13 -10.47
C LEU C 185 3.04 22.31 -9.51
N GLY C 186 2.14 22.23 -8.54
CA GLY C 186 1.97 23.22 -7.45
C GLY C 186 2.76 22.81 -6.22
N ASN C 187 2.73 23.62 -5.15
CA ASN C 187 3.46 23.24 -3.91
C ASN C 187 2.51 23.41 -2.72
N LYS C 188 1.24 23.09 -2.92
CA LYS C 188 0.22 23.01 -1.84
C LYS C 188 0.19 21.56 -1.33
N GLY C 189 0.19 21.39 0.01
CA GLY C 189 0.00 20.10 0.68
C GLY C 189 -1.44 19.65 0.55
N LEU C 190 -1.69 18.40 0.14
CA LEU C 190 -3.05 17.90 -0.15
C LEU C 190 -3.34 16.63 0.65
N GLY C 191 -2.67 16.51 1.80
CA GLY C 191 -2.90 15.39 2.73
C GLY C 191 -2.55 14.08 2.05
N ILE C 192 -3.47 13.12 2.07
CA ILE C 192 -3.24 11.74 1.58
C ILE C 192 -2.92 11.75 0.09
N LEU C 193 -3.28 12.81 -0.64
CA LEU C 193 -2.89 12.93 -2.07
C LEU C 193 -1.38 13.06 -2.22
N ASP C 194 -0.66 13.56 -1.22
CA ASP C 194 0.79 13.87 -1.37
C ASP C 194 1.56 12.59 -1.70
N PRO C 195 1.49 11.50 -0.91
CA PRO C 195 2.23 10.28 -1.29
C PRO C 195 1.75 9.72 -2.63
N TRP C 196 0.45 9.79 -2.87
CA TRP C 196 -0.12 9.27 -4.15
C TRP C 196 0.54 9.96 -5.35
N LEU C 197 0.80 11.27 -5.23
CA LEU C 197 1.27 12.10 -6.37
C LEU C 197 2.79 12.07 -6.48
N ILE C 198 3.50 11.40 -5.61
CA ILE C 198 5.00 11.41 -5.65
C ILE C 198 5.52 11.08 -7.06
N PRO C 199 5.02 10.04 -7.78
CA PRO C 199 5.58 9.72 -9.11
C PRO C 199 5.51 10.89 -10.11
N LEU C 200 4.49 11.71 -10.02
CA LEU C 200 4.33 12.93 -10.83
C LEU C 200 5.40 13.96 -10.42
N ARG C 201 5.65 14.14 -9.13
CA ARG C 201 6.71 15.05 -8.65
C ARG C 201 8.08 14.50 -9.03
N GLN C 202 8.26 13.18 -9.11
CA GLN C 202 9.56 12.60 -9.54
C GLN C 202 9.79 12.99 -11.01
N LEU C 203 8.76 12.89 -11.85
CA LEU C 203 8.83 13.30 -13.27
C LEU C 203 9.08 14.81 -13.34
N ARG C 204 8.43 15.59 -12.49
CA ARG C 204 8.65 17.07 -12.44
C ARG C 204 10.14 17.35 -12.16
N GLU C 205 10.70 16.71 -11.13
CA GLU C 205 12.14 16.86 -10.78
C GLU C 205 13.01 16.45 -11.97
N GLN C 206 12.75 15.31 -12.59
CA GLN C 206 13.62 14.78 -13.67
C GLN C 206 13.57 15.71 -14.88
N HIS C 207 12.43 16.36 -15.13
CA HIS C 207 12.19 17.18 -16.35
C HIS C 207 12.03 18.64 -15.95
N LEU C 208 12.63 19.09 -14.85
CA LEU C 208 12.29 20.41 -14.25
C LEU C 208 12.64 21.53 -15.23
N ALA C 209 13.84 21.53 -15.82
CA ALA C 209 14.28 22.57 -16.78
C ALA C 209 13.28 22.64 -17.95
N GLU C 210 12.97 21.50 -18.56
CA GLU C 210 11.99 21.37 -19.67
C GLU C 210 10.64 21.96 -19.26
N LEU C 211 10.11 21.62 -18.08
CA LEU C 211 8.77 22.09 -17.65
C LEU C 211 8.82 23.59 -17.33
N GLN C 212 9.91 24.08 -16.75
CA GLN C 212 10.06 25.53 -16.42
C GLN C 212 10.11 26.38 -17.71
N SER C 213 10.53 25.79 -18.83
CA SER C 213 10.66 26.46 -20.16
C SER C 213 9.30 26.61 -20.84
N LEU C 214 8.24 26.01 -20.29
CA LEU C 214 6.87 25.98 -20.88
C LEU C 214 5.96 26.91 -20.08
N SER C 215 4.84 27.31 -20.66
CA SER C 215 3.74 28.01 -19.93
C SER C 215 3.15 27.03 -18.93
N ARG C 216 2.40 27.53 -17.94
CA ARG C 216 1.69 26.67 -16.94
C ARG C 216 0.86 25.64 -17.72
N ASP C 217 0.10 26.08 -18.73
CA ASP C 217 -0.87 25.18 -19.40
C ASP C 217 -0.10 24.14 -20.21
N GLU C 218 1.00 24.54 -20.86
CA GLU C 218 1.84 23.59 -21.65
C GLU C 218 2.50 22.58 -20.70
N ALA C 219 2.96 23.03 -19.53
CA ALA C 219 3.63 22.14 -18.53
C ALA C 219 2.63 21.06 -18.05
N VAL C 220 1.36 21.43 -17.84
CA VAL C 220 0.32 20.47 -17.38
C VAL C 220 0.14 19.40 -18.47
N VAL C 221 0.10 19.80 -19.74
CA VAL C 221 0.00 18.83 -20.86
C VAL C 221 1.25 17.94 -20.88
N ARG C 222 2.45 18.56 -20.80
CA ARG C 222 3.72 17.82 -20.97
C ARG C 222 3.83 16.79 -19.84
N LEU C 223 3.59 17.22 -18.62
CA LEU C 223 3.68 16.28 -17.46
C LEU C 223 2.64 15.15 -17.60
N ALA C 224 1.43 15.46 -18.12
CA ALA C 224 0.40 14.44 -18.35
C ALA C 224 0.93 13.38 -19.32
N GLU C 225 1.62 13.81 -20.38
CA GLU C 225 2.20 12.86 -21.37
C GLU C 225 3.34 12.05 -20.76
N LEU C 226 4.23 12.72 -20.02
CA LEU C 226 5.37 12.05 -19.35
C LEU C 226 4.81 10.99 -18.37
N ASN C 227 3.70 11.30 -17.73
CA ASN C 227 3.05 10.37 -16.74
C ASN C 227 2.52 9.13 -17.47
N VAL C 228 1.89 9.29 -18.63
CA VAL C 228 1.39 8.13 -19.40
C VAL C 228 2.59 7.29 -19.82
N LYS C 229 3.65 7.92 -20.33
CA LYS C 229 4.80 7.13 -20.82
C LYS C 229 5.47 6.38 -19.66
N GLU C 230 5.62 7.02 -18.51
CA GLU C 230 6.21 6.38 -17.29
C GLU C 230 5.31 5.22 -16.84
N GLY C 231 3.99 5.40 -16.95
CA GLY C 231 3.03 4.34 -16.60
C GLY C 231 3.21 3.13 -17.50
N LEU C 232 3.46 3.33 -18.80
CA LEU C 232 3.66 2.19 -19.74
C LEU C 232 4.94 1.44 -19.38
N LYS C 233 5.96 2.16 -18.94
CA LYS C 233 7.23 1.55 -18.47
C LYS C 233 6.92 0.70 -17.23
N ALA C 234 6.23 1.28 -16.24
CA ALA C 234 5.90 0.56 -14.99
C ALA C 234 5.05 -0.67 -15.33
N LEU C 235 4.13 -0.54 -16.27
CA LEU C 235 3.22 -1.63 -16.69
C LEU C 235 4.05 -2.78 -17.24
N THR C 236 5.10 -2.51 -18.03
CA THR C 236 5.95 -3.56 -18.64
C THR C 236 7.00 -4.10 -17.66
N GLN C 237 7.20 -3.48 -16.49
CA GLN C 237 8.09 -4.00 -15.41
C GLN C 237 7.32 -4.96 -14.52
N LYS C 238 6.47 -5.77 -15.16
CA LYS C 238 5.59 -6.75 -14.49
C LYS C 238 5.68 -8.02 -15.31
N SER C 239 6.05 -9.12 -14.69
CA SER C 239 6.26 -10.40 -15.41
C SER C 239 4.99 -10.81 -16.15
N VAL C 240 3.84 -10.61 -15.54
CA VAL C 240 2.55 -11.04 -16.17
C VAL C 240 2.35 -10.31 -17.51
N VAL C 241 2.70 -9.04 -17.61
CA VAL C 241 2.58 -8.26 -18.85
C VAL C 241 3.66 -8.76 -19.84
N LEU C 242 4.92 -8.84 -19.42
CA LEU C 242 6.00 -9.26 -20.35
C LEU C 242 5.68 -10.64 -20.92
N GLU C 243 5.22 -11.57 -20.09
CA GLU C 243 4.83 -12.95 -20.51
C GLU C 243 3.77 -12.87 -21.62
N ALA C 244 2.72 -12.05 -21.43
CA ALA C 244 1.62 -11.92 -22.40
C ALA C 244 2.14 -11.27 -23.69
N MET C 245 3.04 -10.30 -23.59
CA MET C 245 3.59 -9.62 -24.79
C MET C 245 4.35 -10.66 -25.64
N GLN C 246 5.15 -11.52 -25.01
CA GLN C 246 5.97 -12.55 -25.71
C GLN C 246 5.09 -13.71 -26.20
N GLU C 247 4.19 -14.20 -25.36
CA GLU C 247 3.44 -15.46 -25.61
C GLU C 247 2.27 -15.22 -26.58
N ARG C 248 1.55 -14.09 -26.51
CA ARG C 248 0.27 -13.93 -27.24
C ARG C 248 0.12 -12.52 -27.84
N GLY C 249 1.20 -11.74 -27.91
CA GLY C 249 1.21 -10.46 -28.63
C GLY C 249 0.33 -9.42 -27.95
N LEU C 250 0.18 -9.47 -26.62
CA LEU C 250 -0.49 -8.37 -25.87
C LEU C 250 0.15 -7.05 -26.32
N GLN C 251 -0.65 -6.02 -26.54
CA GLN C 251 -0.12 -4.68 -26.87
C GLN C 251 -0.44 -3.72 -25.73
N VAL C 252 0.40 -2.71 -25.57
CA VAL C 252 0.19 -1.62 -24.60
C VAL C 252 0.16 -0.31 -25.37
N HIS C 253 -0.64 0.63 -24.93
CA HIS C 253 -0.90 1.91 -25.66
C HIS C 253 -1.00 3.05 -24.67
N GLY C 254 -0.41 4.19 -25.02
CA GLY C 254 -0.55 5.44 -24.27
C GLY C 254 -1.44 6.38 -25.03
N LEU C 255 -2.47 6.94 -24.38
CA LEU C 255 -3.39 7.91 -25.00
C LEU C 255 -3.45 9.15 -24.12
N ILE C 256 -3.78 10.27 -24.76
CA ILE C 256 -4.27 11.48 -24.07
C ILE C 256 -5.68 11.77 -24.57
N TYR C 257 -6.60 11.96 -23.62
CA TYR C 257 -8.00 12.32 -23.87
C TYR C 257 -8.11 13.82 -23.73
N ASP C 258 -8.61 14.51 -24.76
CA ASP C 258 -8.85 15.97 -24.72
C ASP C 258 -10.28 16.15 -24.20
N VAL C 259 -10.44 16.61 -22.97
CA VAL C 259 -11.76 16.71 -22.31
C VAL C 259 -12.62 17.76 -23.02
N GLY C 260 -12.01 18.67 -23.77
CA GLY C 260 -12.70 19.77 -24.48
C GLY C 260 -13.24 19.37 -25.85
N SER C 261 -12.66 18.35 -26.48
CA SER C 261 -12.98 17.96 -27.88
C SER C 261 -13.58 16.54 -27.94
N GLY C 262 -13.33 15.71 -26.92
CA GLY C 262 -13.78 14.31 -26.95
C GLY C 262 -12.86 13.39 -27.70
N PHE C 263 -11.76 13.89 -28.25
CA PHE C 263 -10.83 13.07 -29.06
C PHE C 263 -9.71 12.49 -28.19
N LEU C 264 -9.46 11.22 -28.40
CA LEU C 264 -8.25 10.49 -27.97
C LEU C 264 -7.12 10.70 -28.99
N ARG C 265 -5.91 11.05 -28.53
CA ARG C 265 -4.68 11.03 -29.37
C ARG C 265 -3.66 10.03 -28.81
N GLN C 266 -3.03 9.29 -29.71
CA GLN C 266 -1.98 8.28 -29.38
C GLN C 266 -0.65 8.97 -29.08
N LEU C 267 0.06 8.51 -28.06
CA LEU C 267 1.45 8.93 -27.74
C LEU C 267 2.41 7.90 -28.34
N ASP C 268 3.60 8.37 -28.77
CA ASP C 268 4.66 7.53 -29.38
C ASP C 268 5.12 6.47 -28.39
N ALA C 269 5.51 6.88 -27.19
CA ALA C 269 6.03 5.97 -26.14
C ALA C 269 7.01 4.94 -26.73
N ALA C 270 7.88 5.35 -27.66
CA ALA C 270 9.00 4.54 -28.19
C ALA C 270 10.09 4.44 -27.11
N GLU C 271 10.73 3.27 -26.99
CA GLU C 271 11.90 3.06 -26.07
C GLU C 271 13.08 2.50 -26.85
N PRO C 272 14.32 2.99 -26.61
CA PRO C 272 15.50 2.36 -27.20
C PRO C 272 15.46 0.83 -26.98
N GLU C 273 15.83 0.03 -27.99
CA GLU C 273 15.46 -1.43 -27.97
C GLU C 273 16.26 -2.13 -26.88
N GLU C 274 17.46 -1.59 -26.57
CA GLU C 274 18.31 -1.93 -25.40
C GLU C 274 17.48 -1.97 -24.12
N ALA C 275 16.58 -0.97 -23.98
CA ALA C 275 15.73 -0.77 -22.78
C ALA C 275 14.87 -2.01 -22.56
N LEU C 276 14.15 -2.47 -23.59
CA LEU C 276 13.18 -3.59 -23.48
C LEU C 276 13.93 -4.90 -23.20
N LYS C 277 15.13 -5.02 -23.77
CA LYS C 277 15.96 -6.25 -23.59
C LYS C 277 16.34 -6.37 -22.11
N ALA C 278 16.84 -5.30 -21.52
CA ALA C 278 17.25 -5.22 -20.10
C ALA C 278 16.02 -5.46 -19.23
N ARG C 279 14.84 -4.96 -19.62
CA ARG C 279 13.60 -5.11 -18.81
C ARG C 279 13.20 -6.57 -18.80
N LEU C 280 13.23 -7.23 -19.97
CA LEU C 280 12.93 -8.68 -20.04
C LEU C 280 13.87 -9.46 -19.10
N THR C 281 15.17 -9.21 -19.22
CA THR C 281 16.19 -9.90 -18.40
C THR C 281 15.89 -9.69 -16.90
N SER C 282 15.53 -8.46 -16.55
CA SER C 282 15.48 -7.96 -15.16
C SER C 282 14.14 -8.34 -14.51
N PHE C 283 13.08 -8.54 -15.30
CA PHE C 283 11.71 -8.69 -14.73
C PHE C 283 11.04 -10.01 -15.10
N LYS C 284 11.38 -10.70 -16.19
CA LYS C 284 10.61 -11.92 -16.56
C LYS C 284 10.93 -13.05 -15.56
N THR C 285 9.93 -13.75 -15.04
CA THR C 285 10.01 -14.84 -14.03
C THR C 285 10.40 -16.18 -14.66
N ASP D 79 -7.11 -4.86 -34.40
CA ASP D 79 -8.59 -5.05 -34.39
C ASP D 79 -9.22 -4.07 -33.37
N LYS D 80 -9.54 -4.52 -32.14
CA LYS D 80 -10.50 -3.82 -31.24
C LYS D 80 -9.96 -2.47 -30.77
N PHE D 81 -8.65 -2.34 -30.61
CA PHE D 81 -8.03 -1.05 -30.20
C PHE D 81 -8.22 0.00 -31.31
N SER D 82 -7.80 -0.31 -32.53
CA SER D 82 -7.95 0.69 -33.65
C SER D 82 -9.44 0.93 -33.89
N ALA D 83 -10.29 -0.08 -33.79
CA ALA D 83 -11.75 0.07 -33.96
C ALA D 83 -12.28 1.05 -32.90
N ALA D 84 -11.78 0.96 -31.66
CA ALA D 84 -12.24 1.81 -30.53
C ALA D 84 -11.82 3.26 -30.80
N LEU D 85 -10.62 3.51 -31.34
CA LEU D 85 -10.17 4.91 -31.62
C LEU D 85 -11.09 5.53 -32.67
N ALA D 86 -11.48 4.78 -33.70
CA ALA D 86 -12.37 5.28 -34.77
C ALA D 86 -13.75 5.58 -34.18
N LYS D 87 -14.26 4.70 -33.31
CA LYS D 87 -15.57 4.88 -32.64
C LYS D 87 -15.49 6.07 -31.70
N ASN D 88 -14.35 6.31 -31.06
CA ASN D 88 -14.17 7.52 -30.22
C ASN D 88 -14.41 8.77 -31.06
N LYS D 89 -13.79 8.85 -32.25
CA LYS D 89 -13.89 10.10 -33.05
C LYS D 89 -15.36 10.29 -33.47
N GLU D 90 -16.06 9.20 -33.79
CA GLU D 90 -17.48 9.23 -34.20
C GLU D 90 -18.31 9.68 -33.00
N TRP D 91 -18.01 9.15 -31.81
CA TRP D 91 -18.75 9.52 -30.58
C TRP D 91 -18.55 11.02 -30.33
N ALA D 92 -17.31 11.55 -30.40
CA ALA D 92 -17.03 12.97 -30.11
C ALA D 92 -17.78 13.85 -31.15
N ALA D 93 -17.81 13.43 -32.41
CA ALA D 93 -18.54 14.19 -33.47
C ALA D 93 -20.04 14.24 -33.13
N LYS D 94 -20.61 13.09 -32.76
CA LYS D 94 -22.05 12.97 -32.43
C LYS D 94 -22.37 13.81 -31.19
N CYS D 95 -21.50 13.79 -30.18
CA CYS D 95 -21.66 14.58 -28.93
C CYS D 95 -21.71 16.08 -29.29
N SER D 96 -20.85 16.56 -30.18
CA SER D 96 -20.81 17.99 -30.59
C SER D 96 -22.17 18.41 -31.21
N GLN D 97 -22.81 17.51 -31.95
CA GLN D 97 -24.13 17.72 -32.63
C GLN D 97 -25.28 17.60 -31.62
N GLU D 98 -25.28 16.61 -30.74
CA GLU D 98 -26.43 16.25 -29.86
C GLU D 98 -26.35 16.87 -28.44
N HIS D 99 -25.18 17.30 -28.00
CA HIS D 99 -24.98 18.05 -26.74
C HIS D 99 -23.94 19.14 -27.00
N PRO D 100 -24.24 20.15 -27.83
CA PRO D 100 -23.22 21.10 -28.30
C PRO D 100 -22.55 21.92 -27.19
N GLU D 101 -23.21 22.08 -26.04
CA GLU D 101 -22.64 22.85 -24.89
C GLU D 101 -21.75 21.95 -24.00
N LEU D 102 -21.89 20.63 -24.08
CA LEU D 102 -21.27 19.71 -23.08
C LEU D 102 -19.75 19.82 -23.15
N LEU D 103 -19.13 19.47 -24.28
CA LEU D 103 -17.65 19.40 -24.37
C LEU D 103 -17.03 20.76 -24.11
N PRO D 104 -17.50 21.89 -24.67
CA PRO D 104 -16.94 23.20 -24.32
C PRO D 104 -17.03 23.52 -22.82
N THR D 105 -18.08 23.10 -22.11
CA THR D 105 -18.17 23.35 -20.64
C THR D 105 -17.15 22.44 -19.92
N LEU D 106 -17.02 21.19 -20.35
CA LEU D 106 -16.08 20.23 -19.73
C LEU D 106 -14.63 20.63 -20.02
N ALA D 107 -14.34 21.40 -21.09
CA ALA D 107 -12.97 21.81 -21.47
C ALA D 107 -12.28 22.57 -20.33
N VAL D 108 -13.08 23.15 -19.42
CA VAL D 108 -12.61 24.15 -18.43
C VAL D 108 -12.66 23.54 -17.02
N GLY D 109 -13.50 22.53 -16.79
CA GLY D 109 -13.58 21.91 -15.46
C GLY D 109 -14.69 20.90 -15.34
N GLN D 110 -14.91 20.38 -14.14
CA GLN D 110 -15.92 19.33 -13.84
C GLN D 110 -16.63 19.64 -12.53
N HIS D 111 -17.90 19.22 -12.40
CA HIS D 111 -18.73 19.39 -11.18
C HIS D 111 -19.58 18.17 -10.98
N PRO D 112 -19.00 16.94 -10.93
CA PRO D 112 -19.81 15.77 -10.67
C PRO D 112 -20.36 15.84 -9.24
N GLU D 113 -21.55 15.32 -9.01
CA GLU D 113 -22.16 15.28 -7.67
C GLU D 113 -22.03 13.88 -7.07
N ILE D 114 -21.51 12.92 -7.86
CA ILE D 114 -21.45 11.49 -7.47
C ILE D 114 -20.00 11.01 -7.58
N LEU D 115 -19.54 10.35 -6.52
CA LEU D 115 -18.35 9.48 -6.53
C LEU D 115 -18.88 8.05 -6.59
N TRP D 116 -18.47 7.29 -7.59
CA TRP D 116 -18.83 5.88 -7.76
C TRP D 116 -17.60 5.04 -7.47
N ILE D 117 -17.71 4.10 -6.56
CA ILE D 117 -16.66 3.07 -6.30
C ILE D 117 -17.28 1.73 -6.68
N GLY D 118 -16.79 1.15 -7.76
CA GLY D 118 -17.33 -0.11 -8.29
C GLY D 118 -16.25 -1.08 -8.70
N CYS D 119 -16.71 -2.20 -9.27
CA CYS D 119 -15.80 -3.26 -9.75
C CYS D 119 -15.27 -2.88 -11.14
N SER D 120 -14.03 -3.26 -11.44
CA SER D 120 -13.42 -3.16 -12.79
C SER D 120 -14.16 -4.00 -13.83
N ASP D 121 -14.95 -5.00 -13.41
CA ASP D 121 -15.76 -5.87 -14.29
C ASP D 121 -16.26 -5.05 -15.48
N SER D 122 -15.99 -5.52 -16.71
CA SER D 122 -16.31 -4.78 -17.95
C SER D 122 -17.83 -4.56 -18.08
N ARG D 123 -18.63 -5.32 -17.36
CA ARG D 123 -20.11 -5.23 -17.47
C ARG D 123 -20.67 -4.14 -16.56
N CYS D 124 -19.84 -3.41 -15.80
CA CYS D 124 -20.32 -2.38 -14.84
CA CYS D 124 -20.37 -2.37 -14.85
C CYS D 124 -19.77 -1.00 -15.15
N PRO D 125 -19.90 -0.46 -16.40
CA PRO D 125 -19.53 0.93 -16.69
C PRO D 125 -20.55 1.92 -16.13
N GLU D 126 -20.12 2.68 -15.12
CA GLU D 126 -21.05 3.47 -14.25
C GLU D 126 -21.85 4.46 -15.11
N THR D 127 -21.20 5.19 -16.00
CA THR D 127 -21.85 6.31 -16.72
C THR D 127 -22.92 5.72 -17.64
N THR D 128 -22.63 4.59 -18.28
CA THR D 128 -23.57 3.93 -19.19
C THR D 128 -24.75 3.37 -18.39
N ILE D 129 -24.51 2.61 -17.31
CA ILE D 129 -25.64 1.90 -16.64
C ILE D 129 -26.52 2.91 -15.88
N LEU D 130 -26.02 4.10 -15.59
CA LEU D 130 -26.77 5.18 -14.92
C LEU D 130 -27.48 6.07 -15.92
N GLY D 131 -27.28 5.88 -17.23
CA GLY D 131 -27.83 6.78 -18.27
C GLY D 131 -27.34 8.21 -18.13
N LEU D 132 -26.08 8.40 -17.74
CA LEU D 132 -25.50 9.74 -17.52
C LEU D 132 -24.48 10.06 -18.61
N LEU D 133 -23.86 11.22 -18.47
CA LEU D 133 -22.96 11.82 -19.47
C LEU D 133 -21.58 11.97 -18.83
N PRO D 134 -20.54 12.18 -19.66
CA PRO D 134 -19.27 12.66 -19.13
C PRO D 134 -19.49 13.92 -18.29
N GLY D 135 -18.76 14.04 -17.18
CA GLY D 135 -18.90 15.13 -16.19
C GLY D 135 -19.79 14.76 -15.03
N ASP D 136 -20.52 13.66 -15.07
CA ASP D 136 -21.54 13.36 -14.05
C ASP D 136 -20.96 12.50 -12.91
N VAL D 137 -20.02 11.60 -13.19
CA VAL D 137 -19.64 10.56 -12.18
C VAL D 137 -18.13 10.46 -12.04
N PHE D 138 -17.61 10.92 -10.89
CA PHE D 138 -16.18 10.74 -10.52
C PHE D 138 -16.03 9.28 -10.12
N THR D 139 -15.07 8.56 -10.71
CA THR D 139 -15.10 7.08 -10.71
C THR D 139 -13.81 6.45 -10.18
N HIS D 140 -13.98 5.46 -9.31
CA HIS D 140 -12.93 4.50 -8.90
C HIS D 140 -13.45 3.10 -9.16
N ARG D 141 -12.70 2.31 -9.90
CA ARG D 141 -13.05 0.88 -10.16
C ARG D 141 -11.81 0.03 -9.86
N ASN D 142 -12.01 -1.02 -9.07
CA ASN D 142 -10.92 -1.93 -8.65
C ASN D 142 -11.48 -3.34 -8.63
N ILE D 143 -10.67 -4.33 -8.27
CA ILE D 143 -11.18 -5.72 -8.21
C ILE D 143 -12.16 -5.87 -7.04
N ALA D 144 -13.41 -6.18 -7.37
CA ALA D 144 -14.49 -6.47 -6.41
C ALA D 144 -14.82 -5.27 -5.52
N ASN D 145 -14.58 -4.06 -5.99
CA ASN D 145 -15.06 -2.81 -5.30
C ASN D 145 -14.67 -2.91 -3.82
N VAL D 146 -13.44 -3.33 -3.51
CA VAL D 146 -12.96 -3.56 -2.14
C VAL D 146 -12.39 -2.23 -1.61
N ILE D 147 -12.81 -1.87 -0.42
CA ILE D 147 -12.23 -0.70 0.32
C ILE D 147 -11.30 -1.22 1.40
N HIS D 148 -10.00 -1.24 1.12
CA HIS D 148 -8.96 -1.45 2.16
C HIS D 148 -8.83 -0.12 2.84
N PRO D 149 -8.99 -0.05 4.17
CA PRO D 149 -8.95 1.22 4.89
C PRO D 149 -7.75 2.10 4.58
N ALA D 150 -6.56 1.53 4.49
CA ALA D 150 -5.34 2.31 4.30
C ALA D 150 -4.81 2.27 2.87
N ASP D 151 -5.67 1.87 1.91
CA ASP D 151 -5.29 1.85 0.46
C ASP D 151 -5.17 3.30 -0.01
N LEU D 152 -4.01 3.73 -0.48
CA LEU D 152 -3.86 5.11 -1.01
C LEU D 152 -4.63 5.31 -2.31
N SER D 153 -4.85 4.27 -3.11
CA SER D 153 -5.58 4.40 -4.39
C SER D 153 -7.02 4.88 -4.13
N SER D 154 -7.79 4.11 -3.36
CA SER D 154 -9.16 4.55 -2.99
C SER D 154 -9.10 5.77 -2.06
N GLY D 155 -8.12 5.83 -1.16
CA GLY D 155 -7.95 6.94 -0.20
C GLY D 155 -7.83 8.27 -0.91
N ALA D 156 -6.96 8.33 -1.92
CA ALA D 156 -6.71 9.55 -2.70
C ALA D 156 -7.99 9.94 -3.50
N VAL D 157 -8.67 8.96 -4.10
CA VAL D 157 -9.93 9.24 -4.81
C VAL D 157 -10.94 9.88 -3.85
N ILE D 158 -11.13 9.28 -2.68
CA ILE D 158 -12.16 9.73 -1.72
C ILE D 158 -11.81 11.14 -1.25
N GLU D 159 -10.55 11.39 -0.95
CA GLU D 159 -10.10 12.72 -0.47
C GLU D 159 -10.40 13.77 -1.57
N PHE D 160 -10.03 13.46 -2.81
CA PHE D 160 -10.21 14.41 -3.94
C PHE D 160 -11.71 14.66 -4.18
N ALA D 161 -12.51 13.59 -4.24
CA ALA D 161 -13.94 13.70 -4.56
C ALA D 161 -14.65 14.48 -3.45
N VAL D 162 -14.38 14.12 -2.20
CA VAL D 162 -15.17 14.64 -1.06
C VAL D 162 -14.69 16.06 -0.71
N ARG D 163 -13.39 16.30 -0.60
CA ARG D 163 -12.89 17.59 -0.12
C ARG D 163 -12.83 18.61 -1.26
N HIS D 164 -12.32 18.22 -2.42
CA HIS D 164 -11.99 19.16 -3.53
C HIS D 164 -13.18 19.30 -4.49
N LEU D 165 -13.79 18.22 -4.96
CA LEU D 165 -14.98 18.34 -5.86
C LEU D 165 -16.27 18.50 -5.05
N ARG D 166 -16.28 18.19 -3.76
CA ARG D 166 -17.47 18.30 -2.87
C ARG D 166 -18.65 17.52 -3.47
N VAL D 167 -18.43 16.26 -3.83
CA VAL D 167 -19.54 15.40 -4.28
C VAL D 167 -20.57 15.33 -3.16
N LYS D 168 -21.83 15.19 -3.53
CA LYS D 168 -22.94 15.09 -2.56
C LYS D 168 -23.22 13.63 -2.21
N HIS D 169 -22.78 12.70 -3.06
CA HIS D 169 -23.10 11.28 -2.90
C HIS D 169 -21.84 10.46 -3.11
N VAL D 170 -21.63 9.47 -2.26
CA VAL D 170 -20.64 8.38 -2.50
C VAL D 170 -21.42 7.09 -2.64
N VAL D 171 -21.25 6.41 -3.76
CA VAL D 171 -21.95 5.14 -4.05
C VAL D 171 -20.89 4.04 -4.07
N ILE D 172 -21.08 2.99 -3.30
CA ILE D 172 -20.32 1.75 -3.47
C ILE D 172 -21.25 0.78 -4.18
N CYS D 173 -20.83 0.30 -5.35
CA CYS D 173 -21.67 -0.62 -6.15
C CYS D 173 -20.92 -1.94 -6.30
N GLY D 174 -21.47 -2.99 -5.70
CA GLY D 174 -21.08 -4.38 -6.00
C GLY D 174 -21.93 -4.95 -7.12
N HIS D 175 -21.67 -6.18 -7.55
CA HIS D 175 -22.46 -6.72 -8.69
C HIS D 175 -22.55 -8.22 -8.59
N THR D 176 -23.54 -8.78 -9.27
CA THR D 176 -23.73 -10.24 -9.37
C THR D 176 -22.65 -10.77 -10.31
N LYS D 177 -22.29 -12.04 -10.15
CA LYS D 177 -21.31 -12.75 -11.00
C LYS D 177 -19.95 -12.08 -10.87
N CYS D 178 -19.60 -11.58 -9.68
CA CYS D 178 -18.29 -10.90 -9.43
C CYS D 178 -17.20 -11.97 -9.32
N GLY D 179 -16.22 -11.91 -10.23
CA GLY D 179 -15.03 -12.79 -10.26
C GLY D 179 -14.18 -12.68 -9.00
N GLY D 180 -14.04 -11.47 -8.44
CA GLY D 180 -13.26 -11.27 -7.21
C GLY D 180 -13.96 -11.89 -6.04
N VAL D 181 -15.27 -11.69 -5.93
CA VAL D 181 -16.06 -12.33 -4.83
C VAL D 181 -15.95 -13.85 -4.97
N ALA D 182 -16.13 -14.39 -6.18
CA ALA D 182 -16.04 -15.86 -6.41
C ALA D 182 -14.63 -16.38 -6.05
N ALA D 183 -13.57 -15.66 -6.44
CA ALA D 183 -12.18 -16.04 -6.09
C ALA D 183 -12.05 -16.21 -4.57
N ALA D 184 -12.63 -15.30 -3.79
CA ALA D 184 -12.52 -15.29 -2.32
C ALA D 184 -13.24 -16.51 -1.73
N LEU D 185 -14.27 -17.03 -2.40
CA LEU D 185 -15.02 -18.21 -1.91
C LEU D 185 -14.36 -19.51 -2.37
N GLY D 186 -13.35 -19.44 -3.22
CA GLY D 186 -12.53 -20.60 -3.64
C GLY D 186 -11.28 -20.71 -2.80
N ASN D 187 -10.46 -21.74 -3.04
CA ASN D 187 -9.20 -21.89 -2.27
C ASN D 187 -8.05 -22.11 -3.25
N LYS D 188 -8.08 -21.45 -4.41
CA LYS D 188 -6.94 -21.37 -5.35
C LYS D 188 -6.11 -20.12 -5.06
N GLY D 189 -4.78 -20.25 -4.99
CA GLY D 189 -3.83 -19.12 -4.92
C GLY D 189 -3.79 -18.37 -6.23
N LEU D 190 -3.87 -17.03 -6.20
CA LEU D 190 -4.01 -16.19 -7.41
C LEU D 190 -2.95 -15.08 -7.41
N GLY D 191 -1.81 -15.36 -6.78
CA GLY D 191 -0.66 -14.46 -6.80
C GLY D 191 -0.99 -13.14 -6.11
N ILE D 192 -0.75 -12.04 -6.80
CA ILE D 192 -0.89 -10.68 -6.19
C ILE D 192 -2.36 -10.42 -5.83
N LEU D 193 -3.31 -11.17 -6.40
CA LEU D 193 -4.73 -11.04 -6.02
C LEU D 193 -4.95 -11.48 -4.58
N ASP D 194 -4.11 -12.35 -4.03
CA ASP D 194 -4.40 -12.95 -2.70
C ASP D 194 -4.43 -11.88 -1.61
N PRO D 195 -3.41 -11.01 -1.44
CA PRO D 195 -3.52 -9.94 -0.44
C PRO D 195 -4.70 -9.01 -0.75
N TRP D 196 -4.94 -8.73 -2.04
CA TRP D 196 -6.01 -7.80 -2.43
C TRP D 196 -7.36 -8.33 -1.90
N LEU D 197 -7.55 -9.65 -1.95
CA LEU D 197 -8.86 -10.27 -1.66
C LEU D 197 -9.02 -10.56 -0.16
N ILE D 198 -8.02 -10.26 0.67
CA ILE D 198 -8.12 -10.57 2.12
C ILE D 198 -9.45 -10.08 2.72
N PRO D 199 -9.91 -8.83 2.49
CA PRO D 199 -11.14 -8.35 3.14
C PRO D 199 -12.38 -9.21 2.86
N LEU D 200 -12.44 -9.76 1.66
CA LEU D 200 -13.52 -10.70 1.24
C LEU D 200 -13.40 -12.00 2.01
N ARG D 201 -12.19 -12.54 2.18
CA ARG D 201 -11.95 -13.75 2.97
C ARG D 201 -12.24 -13.47 4.44
N GLN D 202 -12.00 -12.25 4.95
CA GLN D 202 -12.32 -11.92 6.36
C GLN D 202 -13.85 -12.01 6.55
N LEU D 203 -14.62 -11.49 5.59
CA LEU D 203 -16.10 -11.56 5.63
C LEU D 203 -16.53 -13.02 5.49
N ARG D 204 -15.85 -13.78 4.64
CA ARG D 204 -16.17 -15.23 4.44
C ARG D 204 -16.00 -15.94 5.80
N GLU D 205 -14.87 -15.70 6.47
CA GLU D 205 -14.60 -16.30 7.82
C GLU D 205 -15.71 -15.88 8.78
N GLN D 206 -16.03 -14.59 8.85
CA GLN D 206 -17.01 -14.05 9.83
C GLN D 206 -18.39 -14.65 9.57
N HIS D 207 -18.72 -14.94 8.32
CA HIS D 207 -20.09 -15.37 7.91
C HIS D 207 -20.06 -16.81 7.38
N LEU D 208 -19.09 -17.62 7.80
CA LEU D 208 -18.79 -18.91 7.12
C LEU D 208 -20.01 -19.84 7.16
N ALA D 209 -20.63 -20.03 8.32
CA ALA D 209 -21.79 -20.94 8.51
C ALA D 209 -22.91 -20.49 7.56
N GLU D 210 -23.24 -19.21 7.58
CA GLU D 210 -24.30 -18.59 6.72
C GLU D 210 -23.97 -18.85 5.24
N LEU D 211 -22.74 -18.62 4.79
CA LEU D 211 -22.37 -18.80 3.36
C LEU D 211 -22.39 -20.29 2.98
N GLN D 212 -21.96 -21.18 3.89
CA GLN D 212 -21.95 -22.64 3.62
C GLN D 212 -23.40 -23.17 3.49
N SER D 213 -24.39 -22.50 4.08
CA SER D 213 -25.83 -22.86 4.06
C SER D 213 -26.48 -22.48 2.72
N LEU D 214 -25.77 -21.77 1.84
CA LEU D 214 -26.29 -21.24 0.55
C LEU D 214 -25.69 -22.05 -0.60
N SER D 215 -26.33 -22.02 -1.76
CA SER D 215 -25.76 -22.54 -3.03
C SER D 215 -24.55 -21.69 -3.39
N ARG D 216 -23.70 -22.17 -4.30
CA ARG D 216 -22.51 -21.41 -4.78
C ARG D 216 -23.01 -20.05 -5.29
N ASP D 217 -24.08 -20.03 -6.08
CA ASP D 217 -24.52 -18.79 -6.76
C ASP D 217 -25.09 -17.83 -5.70
N GLU D 218 -25.83 -18.34 -4.72
CA GLU D 218 -26.41 -17.52 -3.63
C GLU D 218 -25.27 -16.96 -2.76
N ALA D 219 -24.23 -17.75 -2.49
CA ALA D 219 -23.07 -17.34 -1.65
C ALA D 219 -22.34 -16.17 -2.33
N VAL D 220 -22.19 -16.22 -3.66
CA VAL D 220 -21.49 -15.15 -4.42
C VAL D 220 -22.31 -13.85 -4.30
N VAL D 221 -23.64 -13.93 -4.37
CA VAL D 221 -24.51 -12.72 -4.17
C VAL D 221 -24.37 -12.24 -2.72
N ARG D 222 -24.44 -13.16 -1.73
CA ARG D 222 -24.48 -12.78 -0.30
C ARG D 222 -23.14 -12.11 0.05
N LEU D 223 -22.03 -12.72 -0.39
CA LEU D 223 -20.71 -12.14 -0.06
C LEU D 223 -20.54 -10.79 -0.78
N ALA D 224 -21.07 -10.65 -2.00
CA ALA D 224 -21.05 -9.36 -2.71
C ALA D 224 -21.75 -8.28 -1.88
N GLU D 225 -22.92 -8.61 -1.30
CA GLU D 225 -23.68 -7.66 -0.46
C GLU D 225 -22.92 -7.35 0.83
N LEU D 226 -22.37 -8.37 1.49
CA LEU D 226 -21.60 -8.17 2.74
C LEU D 226 -20.39 -7.26 2.43
N ASN D 227 -19.79 -7.42 1.26
CA ASN D 227 -18.61 -6.61 0.85
C ASN D 227 -19.03 -5.14 0.68
N VAL D 228 -20.18 -4.88 0.06
CA VAL D 228 -20.68 -3.48 -0.09
C VAL D 228 -20.93 -2.88 1.27
N LYS D 229 -21.57 -3.63 2.15
CA LYS D 229 -21.88 -3.07 3.49
C LYS D 229 -20.58 -2.76 4.27
N GLU D 230 -19.62 -3.67 4.23
CA GLU D 230 -18.30 -3.48 4.91
C GLU D 230 -17.57 -2.28 4.29
N GLY D 231 -17.68 -2.12 2.98
CA GLY D 231 -17.08 -0.98 2.27
C GLY D 231 -17.67 0.33 2.74
N LEU D 232 -18.98 0.38 3.00
CA LEU D 232 -19.62 1.63 3.47
C LEU D 232 -19.11 1.98 4.88
N LYS D 233 -18.87 0.96 5.70
CA LYS D 233 -18.28 1.18 7.04
C LYS D 233 -16.86 1.73 6.88
N ALA D 234 -16.03 1.11 6.04
CA ALA D 234 -14.64 1.56 5.83
C ALA D 234 -14.65 2.99 5.28
N LEU D 235 -15.59 3.29 4.38
CA LEU D 235 -15.69 4.60 3.73
C LEU D 235 -15.95 5.64 4.82
N THR D 236 -16.82 5.35 5.79
CA THR D 236 -17.19 6.33 6.84
C THR D 236 -16.13 6.40 7.96
N GLN D 237 -15.17 5.48 8.02
CA GLN D 237 -14.03 5.51 8.99
C GLN D 237 -12.91 6.38 8.43
N LYS D 238 -13.29 7.53 7.96
CA LYS D 238 -12.41 8.50 7.28
C LYS D 238 -12.92 9.87 7.74
N SER D 239 -12.05 10.66 8.32
CA SER D 239 -12.41 12.02 8.80
C SER D 239 -12.98 12.85 7.65
N VAL D 240 -12.43 12.74 6.45
CA VAL D 240 -12.92 13.59 5.32
C VAL D 240 -14.40 13.31 5.04
N VAL D 241 -14.82 12.06 5.13
CA VAL D 241 -16.22 11.67 4.86
C VAL D 241 -17.07 12.14 6.05
N LEU D 242 -16.67 11.83 7.28
CA LEU D 242 -17.46 12.21 8.48
C LEU D 242 -17.64 13.72 8.53
N GLU D 243 -16.60 14.50 8.21
CA GLU D 243 -16.66 15.98 8.16
C GLU D 243 -17.74 16.41 7.18
N ALA D 244 -17.74 15.83 5.95
CA ALA D 244 -18.71 16.21 4.89
C ALA D 244 -20.13 15.79 5.31
N MET D 245 -20.30 14.66 5.98
CA MET D 245 -21.61 14.18 6.42
C MET D 245 -22.19 15.20 7.43
N GLN D 246 -21.37 15.66 8.39
CA GLN D 246 -21.78 16.63 9.45
C GLN D 246 -21.96 18.04 8.87
N GLU D 247 -21.03 18.50 8.02
CA GLU D 247 -20.98 19.90 7.55
C GLU D 247 -22.00 20.15 6.42
N ARG D 248 -22.18 19.22 5.48
CA ARG D 248 -22.94 19.51 4.23
C ARG D 248 -23.85 18.36 3.81
N GLY D 249 -24.10 17.39 4.69
CA GLY D 249 -25.10 16.32 4.47
C GLY D 249 -24.67 15.40 3.34
N LEU D 250 -23.36 15.20 3.12
CA LEU D 250 -22.89 14.11 2.21
C LEU D 250 -23.67 12.85 2.52
N GLN D 251 -24.12 12.12 1.50
CA GLN D 251 -24.78 10.81 1.71
C GLN D 251 -23.90 9.70 1.13
N VAL D 252 -24.01 8.53 1.70
CA VAL D 252 -23.35 7.30 1.21
C VAL D 252 -24.42 6.26 0.92
N HIS D 253 -24.20 5.44 -0.12
CA HIS D 253 -25.23 4.49 -0.62
C HIS D 253 -24.53 3.21 -1.05
N GLY D 254 -25.13 2.07 -0.76
CA GLY D 254 -24.68 0.77 -1.24
C GLY D 254 -25.66 0.23 -2.26
N LEU D 255 -25.13 -0.24 -3.39
CA LEU D 255 -25.95 -0.81 -4.48
C LEU D 255 -25.39 -2.18 -4.84
N ILE D 256 -26.24 -3.02 -5.41
CA ILE D 256 -25.83 -4.22 -6.19
C ILE D 256 -26.39 -4.09 -7.60
N TYR D 257 -25.50 -4.26 -8.58
CA TYR D 257 -25.83 -4.25 -10.01
C TYR D 257 -26.05 -5.69 -10.46
N ASP D 258 -27.22 -5.97 -11.05
CA ASP D 258 -27.52 -7.30 -11.65
C ASP D 258 -27.06 -7.24 -13.10
N VAL D 259 -25.97 -7.93 -13.43
CA VAL D 259 -25.37 -7.85 -14.79
C VAL D 259 -26.33 -8.47 -15.82
N GLY D 260 -27.27 -9.31 -15.38
CA GLY D 260 -28.22 -10.02 -16.26
C GLY D 260 -29.46 -9.20 -16.60
N SER D 261 -29.83 -8.20 -15.81
CA SER D 261 -31.09 -7.42 -15.95
C SER D 261 -30.80 -5.95 -16.22
N GLY D 262 -29.64 -5.44 -15.81
CA GLY D 262 -29.30 -4.02 -15.94
C GLY D 262 -29.82 -3.18 -14.79
N PHE D 263 -30.48 -3.78 -13.81
CA PHE D 263 -31.02 -3.05 -12.65
C PHE D 263 -30.02 -2.95 -11.49
N LEU D 264 -29.91 -1.73 -10.98
CA LEU D 264 -29.30 -1.46 -9.65
C LEU D 264 -30.35 -1.64 -8.58
N ARG D 265 -30.00 -2.34 -7.51
CA ARG D 265 -30.83 -2.54 -6.29
C ARG D 265 -30.11 -1.84 -5.13
N GLN D 266 -30.85 -1.07 -4.35
CA GLN D 266 -30.32 -0.41 -3.13
C GLN D 266 -30.24 -1.44 -2.01
N LEU D 267 -29.14 -1.44 -1.26
CA LEU D 267 -29.01 -2.29 -0.04
C LEU D 267 -29.48 -1.48 1.17
N ASP D 268 -30.18 -2.18 2.09
CA ASP D 268 -30.70 -1.65 3.38
C ASP D 268 -29.55 -1.02 4.17
N ALA D 269 -28.45 -1.75 4.34
CA ALA D 269 -27.18 -1.17 4.87
C ALA D 269 -27.48 -0.34 6.13
N ALA D 270 -28.36 -0.85 7.01
CA ALA D 270 -28.69 -0.24 8.31
C ALA D 270 -27.50 -0.40 9.28
N GLU D 271 -27.23 0.64 10.05
CA GLU D 271 -26.37 0.62 11.27
C GLU D 271 -27.14 1.36 12.37
N PRO D 272 -27.12 0.89 13.64
CA PRO D 272 -27.60 1.72 14.75
C PRO D 272 -26.99 3.12 14.65
N GLU D 273 -27.74 4.20 14.97
CA GLU D 273 -27.20 5.59 14.94
C GLU D 273 -26.06 5.69 15.97
N GLU D 274 -26.13 4.87 17.04
CA GLU D 274 -25.05 4.63 18.03
C GLU D 274 -23.71 4.38 17.32
N ALA D 275 -23.76 3.60 16.23
CA ALA D 275 -22.58 3.17 15.44
C ALA D 275 -21.87 4.40 14.90
N LEU D 276 -22.60 5.31 14.23
CA LEU D 276 -21.98 6.49 13.57
C LEU D 276 -21.45 7.46 14.65
N LYS D 277 -22.07 7.51 15.82
CA LYS D 277 -21.62 8.40 16.93
C LYS D 277 -20.23 7.93 17.41
N ALA D 278 -20.04 6.64 17.64
CA ALA D 278 -18.76 6.05 18.09
C ALA D 278 -17.72 6.29 16.99
N ARG D 279 -18.13 6.18 15.73
CA ARG D 279 -17.21 6.39 14.58
C ARG D 279 -16.75 7.85 14.54
N LEU D 280 -17.67 8.80 14.69
CA LEU D 280 -17.36 10.24 14.75
C LEU D 280 -16.31 10.46 15.86
N THR D 281 -16.59 9.98 17.07
CA THR D 281 -15.70 10.13 18.22
C THR D 281 -14.31 9.58 17.90
N SER D 282 -14.27 8.41 17.23
CA SER D 282 -13.03 7.62 17.03
C SER D 282 -12.23 8.14 15.85
N PHE D 283 -12.88 8.79 14.86
CA PHE D 283 -12.21 9.11 13.58
C PHE D 283 -12.17 10.60 13.23
N LYS D 284 -13.14 11.42 13.66
CA LYS D 284 -13.19 12.83 13.19
C LYS D 284 -12.00 13.58 13.80
N THR D 285 -11.16 14.20 12.98
CA THR D 285 -10.00 15.01 13.47
C THR D 285 -10.53 16.41 13.87
N ASP D 286 -9.92 17.04 14.89
CA ASP D 286 -10.38 18.33 15.49
C ASP D 286 -10.14 19.47 14.48
C ACT E . 17.29 -10.61 4.34
O ACT E . 17.32 -11.45 5.24
OXT ACT E . 18.56 -9.99 3.94
CH3 ACT E . 16.00 -10.16 3.63
ZN ZN F . 18.80 -8.03 3.79
C ACT G . 6.18 5.16 18.97
O ACT G . 7.27 5.66 18.98
OXT ACT G . 5.78 4.42 20.15
CH3 ACT G . 5.24 5.20 17.79
ZN ZN H . 5.13 2.45 19.92
C ACT I . -8.69 14.57 -11.72
O ACT I . -9.87 14.65 -11.44
OXT ACT I . -8.25 14.93 -13.08
CH3 ACT I . -7.63 14.07 -10.76
ZN ZN J . -7.15 13.54 -14.03
C ACT K . -14.50 -9.02 -11.75
O ACT K . -15.89 -9.16 -11.38
OXT ACT K . -14.22 -8.91 -12.94
CH3 ACT K . -13.47 -8.94 -10.63
ZN ZN L . -16.54 -7.80 -9.92
#